data_7SPN
#
_entry.id   7SPN
#
_cell.length_a   50.216
_cell.length_b   103.359
_cell.length_c   94.857
_cell.angle_alpha   90.000
_cell.angle_beta   103.481
_cell.angle_gamma   90.000
#
_symmetry.space_group_name_H-M   'P 1 21 1'
#
loop_
_entity.id
_entity.type
_entity.pdbx_description
1 polymer IS11
2 water water
#
_entity_poly.entity_id   1
_entity_poly.type   'polypeptide(L)'
_entity_poly.pdbx_seq_one_letter_code
;GMVTVNEVSDEARLRALVDRVTGLMTELGVPGVAVGILHGDREYTAGFGVTSLENPLPVTAGTLFQVGSITKTFTGTALM
RLVEAGRIRLEDPVRKYLPDFRVKDASVSAAVTVRHLLTHTGGWVGDYFEDFGLGDDALARMVAAMADLPQITPPDTVWA
YNNAGFYVAGRIVEVVTGKPYESALRELVLDPLDLEHAYFFAHDVISYRFAVGHLTGEAGPFVARPWALPRCANPVGGLI
TSVRELFKYARFHLGSGPNILSAEARRLMQTPAGAADAGRLMGITWFIQPVDGDIRLVGHGGGTNGQITLFNFVPGRNFA
VCVLTNSDRGGAINAEVTRWAVESFLGAAWPEPEIYSLPPERLATWAGRYEGVLSDIELVLEGDWLVLKQTPKGGFPRKD
SPPRPAPPPSRLGFYAPDRVVALDLPLKGSRGEFLRGPDGSIAWFRFGGRLFRPGQ
;
_entity_poly.pdbx_strand_id   A,B
#
# COMPACT_ATOMS: atom_id res chain seq x y z
N GLY A 1 5.43 27.98 -10.49
CA GLY A 1 6.26 26.78 -10.41
C GLY A 1 6.04 25.98 -11.69
N MET A 2 6.96 26.13 -12.65
CA MET A 2 6.78 25.50 -13.95
C MET A 2 7.05 23.99 -13.84
N VAL A 3 6.71 23.29 -14.93
CA VAL A 3 6.91 21.85 -14.98
C VAL A 3 8.35 21.54 -15.40
N THR A 4 8.78 20.33 -15.08
CA THR A 4 10.12 19.85 -15.40
C THR A 4 10.07 18.85 -16.56
N VAL A 5 11.17 18.79 -17.31
CA VAL A 5 11.33 17.79 -18.36
C VAL A 5 12.42 16.83 -17.91
N ASN A 6 12.02 15.72 -17.29
CA ASN A 6 12.97 14.87 -16.59
C ASN A 6 13.81 14.05 -17.56
N GLU A 7 13.17 13.18 -18.34
CA GLU A 7 13.89 12.27 -19.24
C GLU A 7 13.25 12.31 -20.62
N VAL A 8 14.09 12.40 -21.65
CA VAL A 8 13.67 12.30 -23.05
C VAL A 8 14.68 11.41 -23.76
N SER A 9 14.19 10.30 -24.34
CA SER A 9 15.10 9.36 -25.00
C SER A 9 15.76 10.00 -26.22
N ASP A 10 14.95 10.49 -27.16
CA ASP A 10 15.43 11.21 -28.33
C ASP A 10 14.93 12.65 -28.22
N GLU A 11 15.87 13.60 -28.15
CA GLU A 11 15.49 14.99 -27.94
C GLU A 11 15.03 15.66 -29.23
N ALA A 12 15.71 15.39 -30.34
CA ALA A 12 15.37 16.06 -31.59
C ALA A 12 14.07 15.55 -32.17
N ARG A 13 13.84 14.24 -32.08
CA ARG A 13 12.63 13.66 -32.67
C ARG A 13 11.39 14.03 -31.86
N LEU A 14 11.47 13.92 -30.53
CA LEU A 14 10.36 14.26 -29.66
C LEU A 14 10.35 15.73 -29.25
N ARG A 15 11.06 16.58 -29.99
CA ARG A 15 11.16 17.99 -29.61
C ARG A 15 9.79 18.67 -29.65
N ALA A 16 9.00 18.40 -30.69
CA ALA A 16 7.65 18.95 -30.75
C ALA A 16 6.79 18.40 -29.62
N LEU A 17 6.97 17.12 -29.30
CA LEU A 17 6.24 16.53 -28.18
C LEU A 17 6.63 17.18 -26.87
N VAL A 18 7.94 17.36 -26.65
CA VAL A 18 8.42 17.95 -25.40
C VAL A 18 7.77 19.31 -25.16
N ASP A 19 7.71 20.14 -26.22
CA ASP A 19 7.13 21.47 -26.07
C ASP A 19 5.60 21.44 -26.05
N ARG A 20 4.99 20.50 -26.78
CA ARG A 20 3.53 20.43 -26.79
C ARG A 20 2.99 19.98 -25.43
N VAL A 21 3.64 18.99 -24.81
CA VAL A 21 3.18 18.52 -23.50
C VAL A 21 3.56 19.52 -22.41
N THR A 22 4.82 19.97 -22.40
CA THR A 22 5.27 20.91 -21.38
C THR A 22 4.39 22.15 -21.33
N GLY A 23 3.60 22.36 -22.36
CA GLY A 23 2.75 23.51 -22.39
C GLY A 23 1.45 23.22 -21.71
N LEU A 24 0.84 22.11 -22.10
CA LEU A 24 -0.45 21.72 -21.58
C LEU A 24 -0.48 21.56 -20.09
N MET A 25 0.47 20.85 -19.55
CA MET A 25 0.56 20.64 -18.11
C MET A 25 0.53 21.97 -17.35
N THR A 26 1.21 22.98 -17.87
CA THR A 26 1.14 24.31 -17.26
C THR A 26 -0.27 24.87 -17.34
N GLU A 27 -0.98 24.52 -18.40
CA GLU A 27 -2.32 25.00 -18.60
C GLU A 27 -3.33 24.32 -17.70
N LEU A 28 -3.36 23.00 -17.75
CA LEU A 28 -4.33 22.22 -17.00
C LEU A 28 -3.93 22.05 -15.54
N GLY A 29 -2.63 22.13 -15.23
CA GLY A 29 -2.17 21.88 -13.90
C GLY A 29 -1.81 20.44 -13.60
N VAL A 30 -1.54 19.64 -14.63
CA VAL A 30 -1.17 18.24 -14.46
C VAL A 30 0.20 18.17 -13.77
N PRO A 31 0.30 17.51 -12.62
CA PRO A 31 1.61 17.44 -11.95
C PRO A 31 2.63 16.62 -12.71
N GLY A 32 2.23 15.49 -13.28
CA GLY A 32 3.17 14.62 -13.97
C GLY A 32 2.54 13.92 -15.14
N VAL A 33 3.36 13.66 -16.16
CA VAL A 33 2.92 13.00 -17.39
C VAL A 33 4.04 12.08 -17.86
N ALA A 34 3.72 10.82 -18.12
CA ALA A 34 4.66 9.85 -18.68
C ALA A 34 4.19 9.45 -20.07
N VAL A 35 5.11 9.43 -21.02
CA VAL A 35 4.79 9.17 -22.42
C VAL A 35 5.68 8.04 -22.93
N GLY A 36 5.09 7.15 -23.73
CA GLY A 36 5.83 6.11 -24.40
C GLY A 36 5.33 5.87 -25.81
N ILE A 37 6.23 5.91 -26.79
CA ILE A 37 5.87 5.76 -28.19
C ILE A 37 6.63 4.57 -28.77
N LEU A 38 5.97 3.82 -29.64
CA LEU A 38 6.52 2.61 -30.22
C LEU A 38 6.39 2.67 -31.74
N HIS A 39 7.47 2.35 -32.45
CA HIS A 39 7.45 2.32 -33.91
C HIS A 39 8.50 1.32 -34.38
N GLY A 40 8.05 0.11 -34.70
CA GLY A 40 8.96 -0.95 -35.11
C GLY A 40 9.93 -1.36 -34.03
N ASP A 41 11.23 -1.24 -34.32
CA ASP A 41 12.26 -1.61 -33.36
C ASP A 41 12.57 -0.48 -32.37
N ARG A 42 11.98 0.69 -32.54
CA ARG A 42 12.31 1.86 -31.74
C ARG A 42 11.28 2.10 -30.65
N GLU A 43 11.75 2.56 -29.49
CA GLU A 43 10.89 2.92 -28.37
C GLU A 43 11.29 4.31 -27.89
N TYR A 44 10.30 5.20 -27.78
CA TYR A 44 10.52 6.58 -27.38
C TYR A 44 9.78 6.84 -26.07
N THR A 45 10.53 7.18 -25.03
CA THR A 45 9.95 7.46 -23.72
C THR A 45 10.26 8.90 -23.32
N ALA A 46 9.35 9.48 -22.53
CA ALA A 46 9.51 10.85 -22.06
C ALA A 46 8.79 11.01 -20.74
N GLY A 47 9.42 11.72 -19.82
CA GLY A 47 8.85 11.95 -18.49
C GLY A 47 8.78 13.43 -18.18
N PHE A 48 7.65 13.86 -17.63
CA PHE A 48 7.42 15.26 -17.30
C PHE A 48 6.87 15.38 -15.89
N GLY A 49 7.26 16.45 -15.21
CA GLY A 49 6.65 16.82 -13.95
C GLY A 49 7.04 15.92 -12.78
N VAL A 50 6.16 15.94 -11.77
CA VAL A 50 6.42 15.28 -10.50
C VAL A 50 5.37 14.20 -10.27
N THR A 51 5.73 13.23 -9.42
CA THR A 51 4.82 12.13 -9.11
C THR A 51 3.69 12.59 -8.20
N SER A 52 4.01 13.37 -7.17
CA SER A 52 3.03 13.87 -6.22
C SER A 52 3.30 15.35 -5.97
N LEU A 53 2.23 16.09 -5.67
CA LEU A 53 2.39 17.51 -5.39
C LEU A 53 2.92 17.74 -3.98
N GLU A 54 2.50 16.90 -3.02
CA GLU A 54 3.05 17.00 -1.67
C GLU A 54 4.42 16.34 -1.57
N ASN A 55 4.62 15.22 -2.28
CA ASN A 55 5.84 14.42 -2.21
C ASN A 55 6.42 14.32 -3.62
N PRO A 56 7.05 15.37 -4.11
CA PRO A 56 7.45 15.40 -5.53
C PRO A 56 8.68 14.53 -5.82
N LEU A 57 8.62 13.83 -6.95
CA LEU A 57 9.69 13.02 -7.48
C LEU A 57 9.56 13.05 -9.00
N PRO A 58 10.66 13.12 -9.74
CA PRO A 58 10.57 13.19 -11.20
C PRO A 58 9.87 11.96 -11.77
N VAL A 59 8.84 12.21 -12.57
CA VAL A 59 8.15 11.13 -13.27
C VAL A 59 9.05 10.61 -14.39
N THR A 60 9.31 9.31 -14.37
CA THR A 60 10.17 8.66 -15.35
C THR A 60 9.37 7.62 -16.13
N ALA A 61 10.05 6.98 -17.09
CA ALA A 61 9.41 5.95 -17.89
C ALA A 61 9.08 4.70 -17.08
N GLY A 62 9.80 4.46 -15.99
CA GLY A 62 9.51 3.36 -15.09
C GLY A 62 8.60 3.69 -13.94
N THR A 63 8.11 4.93 -13.88
CA THR A 63 7.22 5.34 -12.79
C THR A 63 5.91 4.57 -12.86
N LEU A 64 5.46 4.09 -11.71
CA LEU A 64 4.24 3.28 -11.63
C LEU A 64 3.02 4.18 -11.58
N PHE A 65 2.10 3.98 -12.52
CA PHE A 65 0.84 4.70 -12.56
C PHE A 65 -0.32 3.73 -12.41
N GLN A 66 -1.46 4.25 -11.94
CA GLN A 66 -2.70 3.49 -11.93
C GLN A 66 -3.35 3.63 -13.29
N VAL A 67 -3.19 2.62 -14.14
CA VAL A 67 -3.70 2.70 -15.51
C VAL A 67 -5.20 2.65 -15.59
N GLY A 68 -5.88 2.26 -14.51
CA GLY A 68 -7.33 2.34 -14.49
C GLY A 68 -7.98 1.36 -15.44
N SER A 69 -9.00 1.86 -16.17
CA SER A 69 -9.85 1.03 -17.01
C SER A 69 -9.08 0.28 -18.10
N ILE A 70 -7.78 0.54 -18.27
CA ILE A 70 -6.97 -0.27 -19.17
C ILE A 70 -6.94 -1.72 -18.71
N THR A 71 -7.16 -1.97 -17.41
CA THR A 71 -7.16 -3.32 -16.88
C THR A 71 -8.24 -4.20 -17.52
N LYS A 72 -9.30 -3.60 -18.06
CA LYS A 72 -10.35 -4.40 -18.68
C LYS A 72 -9.81 -5.24 -19.84
N THR A 73 -8.87 -4.68 -20.61
CA THR A 73 -8.26 -5.45 -21.68
C THR A 73 -7.44 -6.62 -21.14
N PHE A 74 -6.80 -6.44 -19.98
CA PHE A 74 -6.09 -7.55 -19.36
C PHE A 74 -7.05 -8.65 -18.94
N THR A 75 -8.22 -8.27 -18.39
CA THR A 75 -9.23 -9.26 -18.05
C THR A 75 -9.74 -9.97 -19.30
N GLY A 76 -9.96 -9.22 -20.39
CA GLY A 76 -10.38 -9.85 -21.64
C GLY A 76 -9.32 -10.77 -22.21
N THR A 77 -8.06 -10.35 -22.15
CA THR A 77 -6.97 -11.21 -22.62
C THR A 77 -6.88 -12.47 -21.79
N ALA A 78 -7.08 -12.35 -20.47
CA ALA A 78 -7.09 -13.53 -19.61
C ALA A 78 -8.27 -14.43 -19.90
N LEU A 79 -9.42 -13.85 -20.27
CA LEU A 79 -10.57 -14.68 -20.62
C LEU A 79 -10.37 -15.35 -21.96
N MET A 80 -9.83 -14.62 -22.95
CA MET A 80 -9.52 -15.25 -24.24
C MET A 80 -8.45 -16.32 -24.09
N ARG A 81 -7.54 -16.13 -23.13
CA ARG A 81 -6.62 -17.21 -22.73
C ARG A 81 -7.41 -18.47 -22.40
N LEU A 82 -8.44 -18.35 -21.56
CA LEU A 82 -9.23 -19.51 -21.18
C LEU A 82 -10.11 -20.00 -22.32
N VAL A 83 -10.46 -19.14 -23.28
CA VAL A 83 -11.25 -19.59 -24.42
C VAL A 83 -10.41 -20.47 -25.35
N GLU A 84 -9.14 -20.10 -25.54
CA GLU A 84 -8.28 -20.88 -26.41
C GLU A 84 -8.05 -22.29 -25.86
N ALA A 85 -7.93 -22.41 -24.54
CA ALA A 85 -7.70 -23.69 -23.90
C ALA A 85 -8.95 -24.58 -23.91
N GLY A 86 -10.06 -24.11 -24.45
CA GLY A 86 -11.27 -24.90 -24.49
C GLY A 86 -12.02 -24.99 -23.17
N ARG A 87 -11.78 -24.05 -22.26
CA ARG A 87 -12.43 -24.05 -20.95
C ARG A 87 -13.60 -23.08 -20.86
N ILE A 88 -13.60 -22.03 -21.67
CA ILE A 88 -14.67 -21.03 -21.69
C ILE A 88 -15.02 -20.73 -23.14
N ARG A 89 -16.29 -20.42 -23.38
CA ARG A 89 -16.73 -19.93 -24.68
C ARG A 89 -17.46 -18.61 -24.49
N LEU A 90 -17.22 -17.67 -25.41
CA LEU A 90 -17.77 -16.32 -25.26
C LEU A 90 -19.29 -16.32 -25.30
N GLU A 91 -19.89 -17.29 -26.00
CA GLU A 91 -21.33 -17.38 -26.11
C GLU A 91 -21.97 -18.11 -24.94
N ASP A 92 -21.17 -18.73 -24.08
CA ASP A 92 -21.72 -19.42 -22.92
C ASP A 92 -22.39 -18.42 -21.98
N PRO A 93 -23.51 -18.78 -21.37
CA PRO A 93 -24.13 -17.88 -20.39
C PRO A 93 -23.27 -17.74 -19.15
N VAL A 94 -23.46 -16.62 -18.46
CA VAL A 94 -22.70 -16.36 -17.24
C VAL A 94 -23.03 -17.40 -16.18
N ARG A 95 -24.30 -17.79 -16.09
CA ARG A 95 -24.73 -18.76 -15.08
C ARG A 95 -24.13 -20.14 -15.29
N LYS A 96 -23.50 -20.40 -16.44
CA LYS A 96 -22.78 -21.66 -16.61
C LYS A 96 -21.60 -21.77 -15.65
N TYR A 97 -21.02 -20.64 -15.28
CA TYR A 97 -19.87 -20.61 -14.37
C TYR A 97 -20.19 -20.00 -13.01
N LEU A 98 -21.18 -19.11 -12.92
CA LEU A 98 -21.66 -18.56 -11.66
C LEU A 98 -23.17 -18.75 -11.62
N PRO A 99 -23.63 -19.94 -11.19
CA PRO A 99 -25.08 -20.20 -11.18
C PRO A 99 -25.85 -19.35 -10.18
N ASP A 100 -25.18 -18.70 -9.23
CA ASP A 100 -25.85 -17.82 -8.28
C ASP A 100 -25.97 -16.38 -8.76
N PHE A 101 -25.32 -16.03 -9.87
CA PHE A 101 -25.30 -14.65 -10.34
C PHE A 101 -26.71 -14.20 -10.73
N ARG A 102 -27.00 -12.94 -10.46
CA ARG A 102 -28.31 -12.38 -10.74
C ARG A 102 -28.23 -10.86 -10.68
N VAL A 103 -29.02 -10.22 -11.55
CA VAL A 103 -29.26 -8.78 -11.43
C VAL A 103 -30.76 -8.59 -11.21
N LYS A 104 -31.21 -7.34 -11.18
CA LYS A 104 -32.61 -7.06 -10.87
C LYS A 104 -33.54 -7.71 -11.89
N ASP A 105 -33.13 -7.79 -13.15
CA ASP A 105 -33.94 -8.42 -14.19
C ASP A 105 -33.60 -9.91 -14.26
N ALA A 106 -34.61 -10.75 -14.00
CA ALA A 106 -34.39 -12.19 -14.03
C ALA A 106 -34.18 -12.70 -15.45
N SER A 107 -34.93 -12.14 -16.41
CA SER A 107 -34.79 -12.59 -17.80
C SER A 107 -33.41 -12.27 -18.34
N VAL A 108 -32.84 -11.12 -17.94
CA VAL A 108 -31.49 -10.78 -18.36
C VAL A 108 -30.46 -11.59 -17.60
N SER A 109 -30.75 -11.94 -16.34
CA SER A 109 -29.80 -12.70 -15.53
C SER A 109 -29.55 -14.09 -16.11
N ALA A 110 -30.52 -14.62 -16.85
CA ALA A 110 -30.42 -15.98 -17.39
C ALA A 110 -29.94 -16.02 -18.84
N ALA A 111 -29.89 -14.88 -19.52
CA ALA A 111 -29.55 -14.86 -20.94
C ALA A 111 -28.22 -14.18 -21.24
N VAL A 112 -27.64 -13.45 -20.29
CA VAL A 112 -26.40 -12.73 -20.54
C VAL A 112 -25.24 -13.73 -20.68
N THR A 113 -24.38 -13.49 -21.65
CA THR A 113 -23.24 -14.35 -21.94
C THR A 113 -21.94 -13.62 -21.60
N VAL A 114 -20.83 -14.34 -21.76
CA VAL A 114 -19.51 -13.75 -21.50
C VAL A 114 -19.22 -12.64 -22.49
N ARG A 115 -19.67 -12.81 -23.74
CA ARG A 115 -19.45 -11.79 -24.76
C ARG A 115 -20.14 -10.47 -24.39
N HIS A 116 -21.27 -10.54 -23.68
CA HIS A 116 -21.98 -9.33 -23.30
C HIS A 116 -21.17 -8.48 -22.33
N LEU A 117 -20.49 -9.12 -21.38
CA LEU A 117 -19.72 -8.38 -20.39
C LEU A 117 -18.52 -7.69 -21.03
N LEU A 118 -17.85 -8.36 -21.97
CA LEU A 118 -16.64 -7.82 -22.56
C LEU A 118 -16.92 -6.77 -23.63
N THR A 119 -18.15 -6.68 -24.12
CA THR A 119 -18.54 -5.69 -25.12
C THR A 119 -19.47 -4.62 -24.56
N HIS A 120 -19.67 -4.59 -23.25
CA HIS A 120 -20.46 -3.55 -22.58
C HIS A 120 -21.89 -3.53 -23.13
N THR A 121 -22.45 -4.70 -23.38
CA THR A 121 -23.80 -4.83 -23.91
C THR A 121 -24.73 -5.51 -22.92
N GLY A 122 -24.44 -5.41 -21.62
CA GLY A 122 -25.31 -6.00 -20.61
C GLY A 122 -26.58 -5.20 -20.40
N GLY A 123 -26.45 -3.89 -20.27
CA GLY A 123 -27.58 -2.99 -20.16
C GLY A 123 -27.88 -2.53 -18.75
N TRP A 124 -27.34 -3.18 -17.73
CA TRP A 124 -27.62 -2.78 -16.36
C TRP A 124 -26.81 -1.54 -15.98
N VAL A 125 -27.09 -1.01 -14.79
CA VAL A 125 -26.38 0.15 -14.28
C VAL A 125 -24.91 -0.20 -14.12
N GLY A 126 -24.04 0.53 -14.82
CA GLY A 126 -22.63 0.19 -14.85
C GLY A 126 -21.81 0.70 -13.69
N ASP A 127 -21.83 2.02 -13.48
CA ASP A 127 -21.02 2.62 -12.43
C ASP A 127 -21.59 2.29 -11.05
N TYR A 128 -21.12 1.18 -10.47
CA TYR A 128 -21.58 0.73 -9.16
C TYR A 128 -20.34 0.31 -8.37
N PHE A 129 -20.02 1.06 -7.32
CA PHE A 129 -18.76 0.90 -6.60
C PHE A 129 -19.03 0.76 -5.10
N GLU A 130 -18.69 -0.39 -4.55
CA GLU A 130 -18.75 -0.66 -3.12
C GLU A 130 -17.41 -1.25 -2.68
N ASP A 131 -17.26 -1.44 -1.38
CA ASP A 131 -16.08 -2.07 -0.80
C ASP A 131 -16.50 -3.28 0.01
N PHE A 132 -15.80 -4.39 -0.20
CA PHE A 132 -16.07 -5.63 0.52
C PHE A 132 -14.79 -6.17 1.15
N GLY A 133 -14.00 -5.29 1.73
CA GLY A 133 -12.78 -5.68 2.39
C GLY A 133 -11.61 -5.84 1.44
N LEU A 134 -10.55 -6.45 1.98
CA LEU A 134 -9.33 -6.70 1.21
C LEU A 134 -9.02 -8.19 1.08
N GLY A 135 -9.96 -9.06 1.44
CA GLY A 135 -9.75 -10.48 1.31
C GLY A 135 -10.14 -10.99 -0.07
N ASP A 136 -9.80 -12.26 -0.30
CA ASP A 136 -10.12 -12.89 -1.59
C ASP A 136 -11.62 -13.01 -1.80
N ASP A 137 -12.42 -12.86 -0.76
CA ASP A 137 -13.87 -12.90 -0.88
C ASP A 137 -14.46 -11.58 -1.36
N ALA A 138 -13.63 -10.55 -1.55
CA ALA A 138 -14.15 -9.23 -1.93
C ALA A 138 -14.83 -9.28 -3.29
N LEU A 139 -14.22 -9.97 -4.26
CA LEU A 139 -14.81 -10.03 -5.59
C LEU A 139 -16.07 -10.89 -5.61
N ALA A 140 -16.07 -12.00 -4.88
CA ALA A 140 -17.26 -12.84 -4.83
C ALA A 140 -18.42 -12.12 -4.17
N ARG A 141 -18.13 -11.25 -3.20
CA ARG A 141 -19.20 -10.47 -2.57
C ARG A 141 -19.65 -9.31 -3.45
N MET A 142 -18.79 -8.82 -4.34
CA MET A 142 -19.19 -7.79 -5.28
C MET A 142 -20.25 -8.30 -6.25
N VAL A 143 -20.03 -9.50 -6.80
CA VAL A 143 -20.97 -10.07 -7.76
C VAL A 143 -22.31 -10.34 -7.09
N ALA A 144 -22.28 -10.87 -5.87
CA ALA A 144 -23.52 -11.12 -5.14
C ALA A 144 -24.26 -9.83 -4.82
N ALA A 145 -23.53 -8.72 -4.70
CA ALA A 145 -24.17 -7.43 -4.46
C ALA A 145 -24.88 -6.89 -5.70
N MET A 146 -24.58 -7.44 -6.87
CA MET A 146 -25.18 -7.00 -8.12
C MET A 146 -26.62 -7.49 -8.31
N ALA A 147 -27.18 -8.17 -7.31
CA ALA A 147 -28.56 -8.65 -7.41
C ALA A 147 -29.57 -7.51 -7.44
N ASP A 148 -29.20 -6.33 -6.96
CA ASP A 148 -30.07 -5.17 -6.96
C ASP A 148 -29.79 -4.22 -8.12
N LEU A 149 -28.89 -4.57 -9.03
CA LEU A 149 -28.52 -3.71 -10.14
C LEU A 149 -29.67 -3.56 -11.12
N PRO A 150 -30.29 -2.40 -11.24
CA PRO A 150 -31.43 -2.25 -12.15
C PRO A 150 -30.97 -2.14 -13.60
N GLN A 151 -31.94 -2.30 -14.50
CA GLN A 151 -31.68 -2.25 -15.93
C GLN A 151 -31.90 -0.84 -16.45
N ILE A 152 -30.88 -0.30 -17.11
CA ILE A 152 -31.05 0.97 -17.83
C ILE A 152 -31.76 0.76 -19.15
N THR A 153 -31.22 -0.13 -19.98
CA THR A 153 -31.82 -0.56 -21.23
C THR A 153 -31.71 -2.07 -21.34
N PRO A 154 -32.61 -2.73 -22.07
CA PRO A 154 -32.42 -4.15 -22.35
C PRO A 154 -31.09 -4.38 -23.06
N PRO A 155 -30.53 -5.58 -22.94
CA PRO A 155 -29.23 -5.84 -23.57
C PRO A 155 -29.31 -5.75 -25.09
N ASP A 156 -28.16 -5.42 -25.70
CA ASP A 156 -28.02 -5.33 -27.16
C ASP A 156 -28.97 -4.32 -27.77
N THR A 157 -29.31 -3.26 -27.02
CA THR A 157 -30.16 -2.18 -27.54
C THR A 157 -29.35 -0.90 -27.70
N VAL A 158 -29.02 -0.22 -26.61
CA VAL A 158 -28.21 1.00 -26.64
C VAL A 158 -26.89 0.69 -25.93
N TRP A 159 -25.79 0.96 -26.62
CA TRP A 159 -24.47 0.69 -26.05
C TRP A 159 -24.22 1.57 -24.83
N ALA A 160 -23.60 0.99 -23.81
CA ALA A 160 -23.38 1.68 -22.54
C ALA A 160 -22.09 1.17 -21.91
N TYR A 161 -21.21 2.09 -21.54
CA TYR A 161 -19.99 1.72 -20.83
C TYR A 161 -20.34 1.06 -19.51
N ASN A 162 -19.93 -0.19 -19.34
CA ASN A 162 -20.36 -1.04 -18.23
C ASN A 162 -19.16 -1.40 -17.36
N ASN A 163 -18.97 -0.69 -16.25
CA ASN A 163 -17.95 -1.08 -15.29
C ASN A 163 -18.36 -2.33 -14.51
N ALA A 164 -19.64 -2.40 -14.12
CA ALA A 164 -20.10 -3.51 -13.30
C ALA A 164 -20.05 -4.83 -14.05
N GLY A 165 -20.13 -4.80 -15.38
CA GLY A 165 -20.06 -6.02 -16.15
C GLY A 165 -18.73 -6.75 -16.02
N PHE A 166 -17.67 -6.04 -15.62
CA PHE A 166 -16.35 -6.64 -15.48
C PHE A 166 -16.09 -7.20 -14.09
N TYR A 167 -16.94 -6.88 -13.11
CA TYR A 167 -16.93 -7.65 -11.86
C TYR A 167 -17.21 -9.12 -12.16
N VAL A 168 -18.21 -9.38 -13.00
CA VAL A 168 -18.54 -10.74 -13.39
C VAL A 168 -17.42 -11.34 -14.25
N ALA A 169 -16.91 -10.57 -15.19
CA ALA A 169 -15.84 -11.05 -16.06
C ALA A 169 -14.63 -11.51 -15.23
N GLY A 170 -14.24 -10.72 -14.23
CA GLY A 170 -13.15 -11.12 -13.37
C GLY A 170 -13.52 -12.29 -12.46
N ARG A 171 -14.77 -12.32 -11.99
CA ARG A 171 -15.20 -13.41 -11.13
C ARG A 171 -15.28 -14.73 -11.89
N ILE A 172 -15.64 -14.69 -13.18
CA ILE A 172 -15.61 -15.89 -13.99
C ILE A 172 -14.18 -16.45 -14.04
N VAL A 173 -13.20 -15.57 -14.23
CA VAL A 173 -11.80 -15.99 -14.20
C VAL A 173 -11.48 -16.61 -12.85
N GLU A 174 -12.05 -16.08 -11.77
CA GLU A 174 -11.80 -16.62 -10.44
C GLU A 174 -12.31 -18.05 -10.32
N VAL A 175 -13.47 -18.33 -10.90
CA VAL A 175 -14.11 -19.63 -10.71
C VAL A 175 -13.47 -20.68 -11.60
N VAL A 176 -13.28 -20.36 -12.89
CA VAL A 176 -12.72 -21.33 -13.82
C VAL A 176 -11.26 -21.63 -13.48
N THR A 177 -10.52 -20.64 -12.98
CA THR A 177 -9.14 -20.89 -12.59
C THR A 177 -9.03 -21.51 -11.21
N GLY A 178 -9.90 -21.09 -10.28
CA GLY A 178 -9.79 -21.56 -8.91
C GLY A 178 -8.78 -20.80 -8.08
N LYS A 179 -8.40 -19.60 -8.51
CA LYS A 179 -7.43 -18.76 -7.82
C LYS A 179 -7.96 -17.34 -7.78
N PRO A 180 -7.43 -16.51 -6.88
CA PRO A 180 -7.80 -15.09 -6.89
C PRO A 180 -7.47 -14.45 -8.23
N TYR A 181 -8.24 -13.42 -8.58
CA TYR A 181 -8.07 -12.77 -9.87
C TYR A 181 -6.65 -12.24 -10.04
N GLU A 182 -6.11 -11.60 -9.00
CA GLU A 182 -4.78 -11.02 -9.10
C GLU A 182 -3.73 -12.10 -9.35
N SER A 183 -3.90 -13.28 -8.75
CA SER A 183 -2.99 -14.38 -9.01
C SER A 183 -3.24 -14.97 -10.40
N ALA A 184 -4.51 -15.11 -10.78
CA ALA A 184 -4.84 -15.66 -12.09
C ALA A 184 -4.37 -14.73 -13.21
N LEU A 185 -4.61 -13.42 -13.06
CA LEU A 185 -4.10 -12.46 -14.03
C LEU A 185 -2.58 -12.49 -14.09
N ARG A 186 -1.93 -12.71 -12.94
CA ARG A 186 -0.48 -12.87 -12.92
C ARG A 186 -0.06 -14.19 -13.53
N GLU A 187 -0.91 -15.21 -13.45
CA GLU A 187 -0.54 -16.54 -13.96
C GLU A 187 -0.66 -16.61 -15.47
N LEU A 188 -1.72 -16.04 -16.05
CA LEU A 188 -2.00 -16.20 -17.46
C LEU A 188 -1.47 -15.07 -18.33
N VAL A 189 -1.25 -13.88 -17.77
CA VAL A 189 -0.88 -12.72 -18.59
C VAL A 189 0.44 -12.13 -18.14
N LEU A 190 0.54 -11.76 -16.86
CA LEU A 190 1.69 -10.99 -16.38
C LEU A 190 2.99 -11.80 -16.44
N ASP A 191 3.01 -12.95 -15.78
CA ASP A 191 4.22 -13.77 -15.77
C ASP A 191 4.66 -14.22 -17.17
N PRO A 192 3.78 -14.70 -18.06
CA PRO A 192 4.27 -15.11 -19.38
C PRO A 192 4.73 -13.95 -20.24
N LEU A 193 4.22 -12.75 -20.03
CA LEU A 193 4.61 -11.58 -20.82
C LEU A 193 5.73 -10.78 -20.18
N ASP A 194 6.33 -11.29 -19.11
CA ASP A 194 7.45 -10.63 -18.43
C ASP A 194 7.05 -9.24 -17.95
N LEU A 195 5.83 -9.10 -17.45
CA LEU A 195 5.38 -7.85 -16.85
C LEU A 195 5.87 -7.82 -15.40
N GLU A 196 7.13 -7.39 -15.25
CA GLU A 196 7.78 -7.35 -13.95
C GLU A 196 7.01 -6.47 -12.97
N HIS A 197 6.94 -5.17 -13.26
CA HIS A 197 6.28 -4.22 -12.37
C HIS A 197 4.85 -4.00 -12.85
N ALA A 198 3.99 -4.95 -12.50
CA ALA A 198 2.55 -4.87 -12.77
C ALA A 198 1.85 -5.39 -11.52
N TYR A 199 1.30 -4.48 -10.72
CA TYR A 199 0.81 -4.80 -9.40
C TYR A 199 -0.64 -4.40 -9.25
N PHE A 200 -1.27 -4.89 -8.17
CA PHE A 200 -2.65 -4.59 -7.84
C PHE A 200 -2.84 -3.98 -6.46
N PHE A 201 -1.87 -4.11 -5.57
CA PHE A 201 -1.98 -3.63 -4.20
C PHE A 201 -0.89 -2.62 -3.91
N ALA A 202 -1.16 -1.73 -2.96
CA ALA A 202 -0.19 -0.71 -2.58
C ALA A 202 1.02 -1.30 -1.86
N HIS A 203 0.90 -2.49 -1.29
CA HIS A 203 2.02 -3.10 -0.57
C HIS A 203 3.06 -3.68 -1.50
N ASP A 204 2.91 -3.52 -2.82
CA ASP A 204 3.92 -3.92 -3.79
C ASP A 204 4.53 -2.75 -4.53
N VAL A 205 3.93 -1.55 -4.45
CA VAL A 205 4.39 -0.40 -5.21
C VAL A 205 5.04 0.66 -4.34
N ILE A 206 4.95 0.55 -3.01
CA ILE A 206 5.47 1.61 -2.14
C ILE A 206 6.97 1.76 -2.30
N SER A 207 7.70 0.64 -2.32
CA SER A 207 9.15 0.68 -2.34
C SER A 207 9.73 1.16 -3.67
N TYR A 208 8.91 1.41 -4.68
CA TYR A 208 9.37 1.89 -5.98
C TYR A 208 8.92 3.32 -6.20
N ARG A 209 9.08 3.79 -7.44
CA ARG A 209 8.60 5.10 -7.84
C ARG A 209 7.20 4.95 -8.41
N PHE A 210 6.23 5.63 -7.78
CA PHE A 210 4.83 5.54 -8.16
C PHE A 210 4.25 6.93 -8.21
N ALA A 211 3.05 7.04 -8.79
CA ALA A 211 2.34 8.30 -8.89
C ALA A 211 1.08 8.26 -8.04
N VAL A 212 0.71 9.42 -7.50
CA VAL A 212 -0.54 9.60 -6.79
C VAL A 212 -1.47 10.43 -7.67
N GLY A 213 -2.77 10.28 -7.43
CA GLY A 213 -3.74 11.01 -8.19
C GLY A 213 -3.95 12.43 -7.68
N HIS A 214 -4.44 13.29 -8.57
CA HIS A 214 -4.68 14.68 -8.23
C HIS A 214 -6.03 15.13 -8.77
N LEU A 215 -6.79 15.81 -7.93
CA LEU A 215 -8.01 16.49 -8.33
C LEU A 215 -7.76 18.00 -8.30
N THR A 216 -8.34 18.71 -9.27
CA THR A 216 -8.14 20.16 -9.38
C THR A 216 -9.47 20.85 -9.13
N GLY A 217 -9.50 21.73 -8.14
CA GLY A 217 -10.67 22.54 -7.88
C GLY A 217 -10.45 23.98 -8.30
N GLU A 218 -11.08 24.91 -7.57
CA GLU A 218 -10.93 26.33 -7.90
C GLU A 218 -9.50 26.79 -7.74
N ALA A 219 -8.93 26.59 -6.55
CA ALA A 219 -7.62 27.13 -6.21
C ALA A 219 -6.46 26.26 -6.70
N GLY A 220 -6.73 25.23 -7.49
CA GLY A 220 -5.66 24.45 -8.09
C GLY A 220 -5.73 22.97 -7.77
N PRO A 221 -4.71 22.23 -8.19
CA PRO A 221 -4.69 20.78 -7.96
C PRO A 221 -4.32 20.43 -6.53
N PHE A 222 -4.71 19.22 -6.14
CA PHE A 222 -4.40 18.67 -4.83
C PHE A 222 -4.42 17.15 -4.92
N VAL A 223 -3.75 16.52 -3.97
CA VAL A 223 -3.66 15.06 -3.97
C VAL A 223 -5.03 14.45 -3.75
N ALA A 224 -5.32 13.39 -4.52
CA ALA A 224 -6.62 12.72 -4.46
C ALA A 224 -6.54 11.58 -3.45
N ARG A 225 -7.45 11.60 -2.47
CA ARG A 225 -7.54 10.57 -1.45
C ARG A 225 -8.96 10.04 -1.37
N PRO A 226 -9.13 8.72 -1.22
CA PRO A 226 -8.07 7.72 -1.08
C PRO A 226 -7.36 7.38 -2.40
N TRP A 227 -6.14 6.87 -2.29
CA TRP A 227 -5.37 6.54 -3.47
C TRP A 227 -5.72 5.17 -4.03
N ALA A 228 -6.15 4.24 -3.19
CA ALA A 228 -6.39 2.86 -3.59
C ALA A 228 -7.85 2.63 -3.93
N LEU A 229 -8.08 1.89 -5.01
CA LEU A 229 -9.42 1.45 -5.36
C LEU A 229 -9.82 0.25 -4.50
N PRO A 230 -11.12 -0.02 -4.38
CA PRO A 230 -11.54 -1.24 -3.68
C PRO A 230 -10.99 -2.47 -4.36
N ARG A 231 -10.73 -3.50 -3.55
CA ARG A 231 -10.12 -4.72 -4.09
C ARG A 231 -11.03 -5.39 -5.12
N CYS A 232 -12.35 -5.29 -4.95
CA CYS A 232 -13.27 -5.92 -5.89
C CYS A 232 -13.24 -5.27 -7.26
N ALA A 233 -12.68 -4.06 -7.37
CA ALA A 233 -12.61 -3.34 -8.64
C ALA A 233 -11.32 -3.63 -9.41
N ASN A 234 -10.49 -4.55 -8.92
CA ASN A 234 -9.23 -4.86 -9.60
C ASN A 234 -9.43 -5.42 -11.01
N PRO A 235 -10.38 -6.33 -11.27
CA PRO A 235 -10.64 -6.71 -12.68
C PRO A 235 -11.22 -5.58 -13.51
N VAL A 236 -11.69 -4.51 -12.89
CA VAL A 236 -12.26 -3.39 -13.63
C VAL A 236 -11.21 -2.35 -13.99
N GLY A 237 -10.34 -2.01 -13.04
CA GLY A 237 -9.32 -1.01 -13.30
C GLY A 237 -8.31 -0.83 -12.18
N GLY A 238 -7.89 -1.91 -11.57
CA GLY A 238 -6.98 -1.87 -10.44
C GLY A 238 -5.52 -2.13 -10.76
N LEU A 239 -5.13 -2.23 -12.03
CA LEU A 239 -3.76 -2.51 -12.37
C LEU A 239 -2.88 -1.27 -12.21
N ILE A 240 -1.64 -1.50 -11.79
CA ILE A 240 -0.65 -0.44 -11.59
C ILE A 240 0.63 -0.87 -12.32
N THR A 241 0.96 -0.16 -13.39
CA THR A 241 2.15 -0.48 -14.18
C THR A 241 2.74 0.81 -14.74
N SER A 242 3.78 0.67 -15.55
CA SER A 242 4.56 1.78 -16.05
C SER A 242 4.55 1.79 -17.59
N VAL A 243 5.28 2.75 -18.16
CA VAL A 243 5.44 2.82 -19.61
C VAL A 243 6.23 1.62 -20.10
N ARG A 244 7.35 1.32 -19.43
CA ARG A 244 8.26 0.28 -19.91
C ARG A 244 7.58 -1.08 -20.00
N GLU A 245 6.58 -1.33 -19.16
CA GLU A 245 5.84 -2.59 -19.21
C GLU A 245 4.68 -2.54 -20.19
N LEU A 246 4.05 -1.37 -20.36
CA LEU A 246 3.03 -1.23 -21.38
C LEU A 246 3.60 -1.45 -22.78
N PHE A 247 4.90 -1.18 -22.94
CA PHE A 247 5.57 -1.51 -24.20
C PHE A 247 5.54 -3.02 -24.45
N LYS A 248 5.87 -3.80 -23.42
CA LYS A 248 5.83 -5.25 -23.55
C LYS A 248 4.41 -5.74 -23.81
N TYR A 249 3.42 -5.08 -23.21
CA TYR A 249 2.02 -5.42 -23.49
C TYR A 249 1.66 -5.10 -24.94
N ALA A 250 2.20 -4.02 -25.48
CA ALA A 250 1.91 -3.64 -26.86
C ALA A 250 2.52 -4.62 -27.84
N ARG A 251 3.77 -5.03 -27.61
CA ARG A 251 4.44 -5.97 -28.51
C ARG A 251 3.66 -7.27 -28.64
N PHE A 252 3.02 -7.72 -27.56
CA PHE A 252 2.25 -8.95 -27.62
C PHE A 252 1.02 -8.81 -28.49
N HIS A 253 0.26 -7.73 -28.30
CA HIS A 253 -0.96 -7.52 -29.05
C HIS A 253 -0.71 -7.12 -30.50
N LEU A 254 0.53 -6.81 -30.87
CA LEU A 254 0.88 -6.47 -32.25
C LEU A 254 1.32 -7.69 -33.05
N GLY A 255 1.24 -8.89 -32.48
CA GLY A 255 1.77 -10.08 -33.11
C GLY A 255 3.28 -10.25 -32.98
N SER A 256 3.97 -9.28 -32.41
CA SER A 256 5.43 -9.34 -32.23
C SER A 256 5.81 -9.78 -30.82
N GLY A 257 4.95 -10.54 -30.15
CA GLY A 257 5.23 -11.00 -28.80
C GLY A 257 5.01 -12.49 -28.66
N PRO A 258 5.24 -13.02 -27.46
CA PRO A 258 5.03 -14.45 -27.22
C PRO A 258 3.57 -14.86 -27.40
N ASN A 259 3.37 -16.16 -27.58
CA ASN A 259 2.06 -16.69 -27.98
C ASN A 259 1.37 -17.33 -26.78
N ILE A 260 0.83 -16.48 -25.91
CA ILE A 260 -0.16 -16.96 -24.95
C ILE A 260 -1.55 -16.98 -25.58
N LEU A 261 -1.76 -16.15 -26.59
CA LEU A 261 -2.90 -16.24 -27.50
C LEU A 261 -2.36 -16.40 -28.91
N SER A 262 -2.93 -17.30 -29.69
CA SER A 262 -2.56 -17.39 -31.09
C SER A 262 -2.94 -16.09 -31.79
N ALA A 263 -2.24 -15.80 -32.89
CA ALA A 263 -2.55 -14.59 -33.65
C ALA A 263 -4.02 -14.54 -34.01
N GLU A 264 -4.60 -15.68 -34.41
CA GLU A 264 -6.01 -15.75 -34.76
C GLU A 264 -6.90 -15.20 -33.64
N ALA A 265 -6.62 -15.61 -32.39
CA ALA A 265 -7.41 -15.13 -31.27
C ALA A 265 -7.13 -13.65 -30.99
N ARG A 266 -5.90 -13.19 -31.26
CA ARG A 266 -5.56 -11.80 -30.99
C ARG A 266 -6.25 -10.86 -31.97
N ARG A 267 -6.33 -11.25 -33.26
CA ARG A 267 -7.05 -10.43 -34.22
C ARG A 267 -8.55 -10.44 -33.93
N LEU A 268 -9.05 -11.50 -33.29
CA LEU A 268 -10.47 -11.54 -32.93
C LEU A 268 -10.79 -10.49 -31.87
N MET A 269 -9.86 -10.22 -30.96
CA MET A 269 -10.06 -9.14 -30.00
C MET A 269 -10.09 -7.78 -30.69
N GLN A 270 -9.45 -7.67 -31.84
CA GLN A 270 -9.38 -6.43 -32.59
C GLN A 270 -10.29 -6.42 -33.81
N THR A 271 -11.27 -7.32 -33.86
CA THR A 271 -12.27 -7.26 -34.93
C THR A 271 -13.52 -6.59 -34.42
N PRO A 272 -14.07 -5.61 -35.14
CA PRO A 272 -15.27 -4.92 -34.65
C PRO A 272 -16.46 -5.85 -34.47
N ALA A 273 -16.86 -6.07 -33.22
CA ALA A 273 -18.03 -6.87 -32.89
C ALA A 273 -19.31 -6.04 -32.89
N GLY A 274 -19.23 -4.76 -33.19
CA GLY A 274 -20.39 -3.89 -33.18
C GLY A 274 -19.99 -2.46 -32.93
N ALA A 275 -20.99 -1.59 -32.93
CA ALA A 275 -20.76 -0.17 -32.70
C ALA A 275 -20.69 0.14 -31.22
N ALA A 276 -19.85 1.12 -30.87
CA ALA A 276 -19.72 1.56 -29.50
C ALA A 276 -20.40 2.91 -29.30
N ASP A 277 -19.62 3.97 -29.11
CA ASP A 277 -20.15 5.31 -28.94
C ASP A 277 -19.30 6.29 -29.73
N ALA A 278 -19.92 7.41 -30.12
CA ALA A 278 -19.22 8.53 -30.76
C ALA A 278 -18.39 8.07 -31.96
N GLY A 279 -18.98 7.23 -32.79
CA GLY A 279 -18.30 6.76 -33.98
C GLY A 279 -17.21 5.74 -33.73
N ARG A 280 -17.08 5.23 -32.50
CA ARG A 280 -16.11 4.18 -32.21
C ARG A 280 -16.75 2.81 -32.35
N LEU A 281 -15.90 1.80 -32.52
CA LEU A 281 -16.32 0.42 -32.68
C LEU A 281 -15.89 -0.39 -31.48
N MET A 282 -16.66 -1.43 -31.17
CA MET A 282 -16.44 -2.25 -29.99
C MET A 282 -15.91 -3.61 -30.41
N GLY A 283 -14.64 -3.87 -30.09
CA GLY A 283 -14.09 -5.20 -30.19
C GLY A 283 -14.40 -5.98 -28.92
N ILE A 284 -13.56 -6.97 -28.65
CA ILE A 284 -13.64 -7.72 -27.39
C ILE A 284 -12.81 -6.94 -26.38
N THR A 285 -13.49 -6.14 -25.56
CA THR A 285 -12.91 -5.19 -24.60
C THR A 285 -12.18 -4.04 -25.28
N TRP A 286 -11.75 -4.24 -26.52
CA TRP A 286 -10.98 -3.22 -27.23
C TRP A 286 -11.89 -2.19 -27.89
N PHE A 287 -11.49 -0.93 -27.80
CA PHE A 287 -12.14 0.15 -28.54
C PHE A 287 -11.42 0.32 -29.87
N ILE A 288 -12.19 0.44 -30.95
CA ILE A 288 -11.64 0.61 -32.29
C ILE A 288 -12.11 1.94 -32.85
N GLN A 289 -11.17 2.74 -33.33
CA GLN A 289 -11.45 4.09 -33.82
C GLN A 289 -10.89 4.26 -35.22
N PRO A 290 -11.75 4.31 -36.25
CA PRO A 290 -11.24 4.50 -37.61
C PRO A 290 -10.57 5.86 -37.76
N VAL A 291 -9.50 5.91 -38.55
CA VAL A 291 -8.68 7.11 -38.68
C VAL A 291 -8.49 7.47 -40.15
N ASP A 292 -7.58 6.75 -40.82
CA ASP A 292 -7.12 7.10 -42.16
C ASP A 292 -7.09 5.84 -43.00
N GLY A 293 -8.18 5.59 -43.74
CA GLY A 293 -8.24 4.39 -44.56
C GLY A 293 -8.16 3.15 -43.69
N ASP A 294 -7.14 2.33 -43.93
CA ASP A 294 -6.93 1.14 -43.11
C ASP A 294 -6.43 1.48 -41.72
N ILE A 295 -5.84 2.66 -41.53
CA ILE A 295 -5.33 3.07 -40.23
C ILE A 295 -6.51 3.24 -39.27
N ARG A 296 -6.49 2.50 -38.17
CA ARG A 296 -7.51 2.63 -37.15
C ARG A 296 -6.88 2.36 -35.79
N LEU A 297 -7.20 3.21 -34.82
CA LEU A 297 -6.65 3.08 -33.48
C LEU A 297 -7.43 2.04 -32.68
N VAL A 298 -6.70 1.06 -32.16
CA VAL A 298 -7.24 0.12 -31.18
C VAL A 298 -6.65 0.49 -29.82
N GLY A 299 -7.47 0.49 -28.79
CA GLY A 299 -6.98 0.85 -27.47
C GLY A 299 -8.10 1.00 -26.47
N HIS A 300 -7.77 1.63 -25.35
CA HIS A 300 -8.69 1.81 -24.24
C HIS A 300 -8.20 2.95 -23.37
N GLY A 301 -9.16 3.63 -22.73
CA GLY A 301 -8.85 4.71 -21.81
C GLY A 301 -8.85 4.25 -20.37
N GLY A 302 -8.22 5.04 -19.51
CA GLY A 302 -8.15 4.72 -18.09
C GLY A 302 -8.36 5.95 -17.26
N GLY A 303 -8.90 5.74 -16.05
CA GLY A 303 -9.17 6.83 -15.14
C GLY A 303 -9.65 6.41 -13.78
N THR A 304 -8.83 6.61 -12.75
CA THR A 304 -9.16 6.32 -11.37
C THR A 304 -9.38 7.64 -10.63
N ASN A 305 -9.08 7.65 -9.33
CA ASN A 305 -9.21 8.86 -8.51
C ASN A 305 -7.99 9.75 -8.76
N GLY A 306 -8.07 10.52 -9.83
CA GLY A 306 -7.04 11.50 -10.15
C GLY A 306 -5.94 11.03 -11.06
N GLN A 307 -6.09 9.88 -11.71
CA GLN A 307 -5.07 9.36 -12.62
C GLN A 307 -5.75 8.95 -13.92
N ILE A 308 -5.50 9.71 -14.98
CA ILE A 308 -6.13 9.50 -16.28
C ILE A 308 -5.05 9.03 -17.26
N THR A 309 -5.32 7.91 -17.94
CA THR A 309 -4.34 7.26 -18.80
C THR A 309 -4.99 6.88 -20.13
N LEU A 310 -4.15 6.46 -21.07
CA LEU A 310 -4.59 6.09 -22.41
C LEU A 310 -3.55 5.16 -23.04
N PHE A 311 -4.02 4.20 -23.82
CA PHE A 311 -3.16 3.21 -24.47
C PHE A 311 -3.77 2.88 -25.83
N ASN A 312 -2.95 2.98 -26.88
CA ASN A 312 -3.43 2.74 -28.23
C ASN A 312 -2.33 2.05 -29.05
N PHE A 313 -2.76 1.34 -30.09
CA PHE A 313 -1.85 0.61 -30.96
C PHE A 313 -2.50 0.41 -32.32
N VAL A 314 -1.68 0.43 -33.37
CA VAL A 314 -2.13 0.28 -34.75
C VAL A 314 -1.70 -1.09 -35.23
N PRO A 315 -2.62 -1.98 -35.59
CA PRO A 315 -2.23 -3.31 -36.07
C PRO A 315 -1.56 -3.25 -37.44
N GLY A 316 -0.74 -4.26 -37.71
CA GLY A 316 -0.01 -4.33 -38.96
C GLY A 316 0.98 -3.22 -39.21
N ARG A 317 1.15 -2.28 -38.27
CA ARG A 317 2.07 -1.17 -38.43
C ARG A 317 3.14 -1.09 -37.35
N ASN A 318 3.05 -1.94 -36.32
CA ASN A 318 4.02 -1.96 -35.22
C ASN A 318 4.13 -0.58 -34.57
N PHE A 319 2.98 -0.02 -34.20
CA PHE A 319 2.90 1.30 -33.60
C PHE A 319 2.10 1.23 -32.30
N ALA A 320 2.50 2.03 -31.33
CA ALA A 320 1.80 2.11 -30.05
C ALA A 320 2.20 3.39 -29.34
N VAL A 321 1.29 3.90 -28.51
CA VAL A 321 1.53 5.11 -27.75
C VAL A 321 0.83 5.00 -26.40
N CYS A 322 1.57 5.25 -25.32
CA CYS A 322 1.03 5.26 -23.97
C CYS A 322 1.20 6.64 -23.37
N VAL A 323 0.14 7.15 -22.75
CA VAL A 323 0.19 8.42 -22.03
C VAL A 323 -0.43 8.20 -20.65
N LEU A 324 0.31 8.52 -19.60
CA LEU A 324 -0.14 8.33 -18.23
C LEU A 324 0.04 9.63 -17.48
N THR A 325 -1.07 10.22 -17.03
CA THR A 325 -1.07 11.45 -16.27
C THR A 325 -1.58 11.20 -14.86
N ASN A 326 -1.32 12.15 -13.96
CA ASN A 326 -1.74 12.06 -12.57
C ASN A 326 -2.63 13.23 -12.19
N SER A 327 -3.53 13.61 -13.09
CA SER A 327 -4.50 14.66 -12.83
C SER A 327 -5.83 14.27 -13.45
N ASP A 328 -6.92 14.77 -12.86
CA ASP A 328 -8.24 14.54 -13.44
C ASP A 328 -8.45 15.31 -14.75
N ARG A 329 -7.46 16.08 -15.19
CA ARG A 329 -7.55 16.83 -16.43
C ARG A 329 -6.55 16.34 -17.48
N GLY A 330 -5.85 15.23 -17.20
CA GLY A 330 -4.86 14.70 -18.13
C GLY A 330 -5.43 14.11 -19.40
N GLY A 331 -6.75 13.92 -19.47
CA GLY A 331 -7.35 13.40 -20.69
C GLY A 331 -7.11 14.28 -21.90
N ALA A 332 -7.01 15.60 -21.68
CA ALA A 332 -6.69 16.50 -22.78
C ALA A 332 -5.28 16.23 -23.31
N ILE A 333 -4.33 15.93 -22.42
CA ILE A 333 -3.00 15.56 -22.85
C ILE A 333 -3.02 14.20 -23.54
N ASN A 334 -3.80 13.26 -23.01
CA ASN A 334 -3.87 11.92 -23.58
C ASN A 334 -4.24 11.96 -25.07
N ALA A 335 -5.11 12.89 -25.46
CA ALA A 335 -5.57 12.94 -26.83
C ALA A 335 -4.54 13.57 -27.76
N GLU A 336 -3.91 14.66 -27.34
CA GLU A 336 -2.97 15.34 -28.22
C GLU A 336 -1.69 14.54 -28.44
N VAL A 337 -1.24 13.81 -27.42
CA VAL A 337 -0.06 12.96 -27.59
C VAL A 337 -0.36 11.77 -28.49
N THR A 338 -1.58 11.21 -28.38
CA THR A 338 -1.93 10.09 -29.24
C THR A 338 -2.07 10.52 -30.69
N ARG A 339 -2.62 11.71 -30.90
CA ARG A 339 -2.80 12.25 -32.24
C ARG A 339 -1.48 12.62 -32.92
N TRP A 340 -0.55 13.22 -32.18
CA TRP A 340 0.73 13.61 -32.73
C TRP A 340 1.57 12.41 -33.14
N ALA A 341 1.60 11.37 -32.30
CA ALA A 341 2.38 10.17 -32.60
C ALA A 341 1.87 9.48 -33.88
N VAL A 342 0.55 9.44 -34.06
CA VAL A 342 0.00 8.87 -35.28
C VAL A 342 0.36 9.73 -36.48
N GLU A 343 0.24 11.05 -36.34
CA GLU A 343 0.55 11.95 -37.44
C GLU A 343 2.05 12.08 -37.69
N SER A 344 2.87 11.80 -36.70
CA SER A 344 4.32 11.94 -36.84
C SER A 344 5.00 10.65 -37.28
N PHE A 345 4.60 9.52 -36.71
CA PHE A 345 5.27 8.25 -37.01
C PHE A 345 4.60 7.47 -38.13
N LEU A 346 3.29 7.67 -38.32
CA LEU A 346 2.57 6.99 -39.39
C LEU A 346 2.18 7.91 -40.54
N GLY A 347 2.37 9.23 -40.39
CA GLY A 347 2.06 10.16 -41.45
C GLY A 347 0.60 10.20 -41.84
N ALA A 348 -0.30 9.83 -40.95
CA ALA A 348 -1.71 9.78 -41.26
C ALA A 348 -2.33 11.17 -41.22
N ALA A 349 -3.54 11.27 -41.74
CA ALA A 349 -4.33 12.50 -41.69
C ALA A 349 -5.50 12.29 -40.73
N TRP A 350 -5.67 13.22 -39.81
CA TRP A 350 -6.69 12.84 -38.84
C TRP A 350 -8.07 13.31 -39.27
N PRO A 351 -9.09 12.51 -38.97
CA PRO A 351 -10.48 12.97 -39.16
C PRO A 351 -10.92 14.08 -38.21
N GLU A 352 -10.54 15.32 -38.50
CA GLU A 352 -11.05 16.42 -37.69
C GLU A 352 -12.42 16.81 -38.21
N PRO A 353 -13.49 16.48 -37.51
CA PRO A 353 -14.83 16.81 -38.01
C PRO A 353 -15.12 18.29 -37.84
N GLU A 354 -15.87 18.84 -38.79
CA GLU A 354 -16.14 20.27 -38.81
C GLU A 354 -17.03 20.66 -37.65
N ILE A 355 -16.63 21.70 -36.93
CA ILE A 355 -17.37 22.17 -35.76
C ILE A 355 -18.33 23.27 -36.19
N TYR A 356 -19.58 23.16 -35.76
CA TYR A 356 -20.58 24.17 -36.09
C TYR A 356 -21.62 24.26 -34.98
N SER A 357 -22.27 25.42 -34.92
CA SER A 357 -23.39 25.67 -34.03
C SER A 357 -24.66 25.79 -34.86
N LEU A 358 -25.78 25.94 -34.17
CA LEU A 358 -27.10 26.04 -34.78
C LEU A 358 -27.79 27.30 -34.29
N PRO A 359 -28.83 27.75 -34.97
CA PRO A 359 -29.61 28.89 -34.47
C PRO A 359 -30.13 28.61 -33.07
N PRO A 360 -30.04 29.59 -32.17
CA PRO A 360 -30.39 29.33 -30.76
C PRO A 360 -31.80 28.79 -30.57
N GLU A 361 -32.70 28.98 -31.53
CA GLU A 361 -34.03 28.39 -31.42
C GLU A 361 -33.94 26.86 -31.37
N ARG A 362 -33.06 26.28 -32.17
CA ARG A 362 -32.88 24.83 -32.14
C ARG A 362 -32.10 24.39 -30.90
N LEU A 363 -31.08 25.16 -30.51
CA LEU A 363 -30.24 24.79 -29.38
C LEU A 363 -31.05 24.71 -28.08
N ALA A 364 -32.14 25.47 -27.98
CA ALA A 364 -32.97 25.43 -26.78
C ALA A 364 -33.66 24.09 -26.60
N THR A 365 -33.82 23.31 -27.68
CA THR A 365 -34.44 21.99 -27.56
C THR A 365 -33.49 20.95 -26.98
N TRP A 366 -32.18 21.22 -26.96
CA TRP A 366 -31.22 20.31 -26.36
C TRP A 366 -30.86 20.67 -24.93
N ALA A 367 -31.07 21.92 -24.52
CA ALA A 367 -30.71 22.33 -23.17
C ALA A 367 -31.66 21.70 -22.15
N GLY A 368 -31.15 21.50 -20.94
CA GLY A 368 -31.93 20.95 -19.85
C GLY A 368 -31.07 20.07 -18.98
N ARG A 369 -31.73 19.38 -18.05
CA ARG A 369 -31.07 18.50 -17.10
C ARG A 369 -30.90 17.11 -17.71
N TYR A 370 -29.78 16.47 -17.40
CA TYR A 370 -29.50 15.11 -17.85
C TYR A 370 -28.92 14.33 -16.67
N GLU A 371 -29.67 13.36 -16.17
CA GLU A 371 -29.34 12.69 -14.91
C GLU A 371 -28.56 11.41 -15.19
N GLY A 372 -27.37 11.30 -14.58
CA GLY A 372 -26.60 10.08 -14.59
C GLY A 372 -26.49 9.49 -13.19
N VAL A 373 -25.70 8.41 -13.11
CA VAL A 373 -25.51 7.75 -11.82
C VAL A 373 -24.28 8.27 -11.08
N LEU A 374 -23.27 8.76 -11.81
CA LEU A 374 -22.08 9.30 -11.18
C LEU A 374 -22.06 10.83 -11.16
N SER A 375 -22.82 11.48 -12.03
CA SER A 375 -22.78 12.93 -12.14
C SER A 375 -24.05 13.40 -12.85
N ASP A 376 -24.21 14.71 -12.93
CA ASP A 376 -25.26 15.35 -13.71
C ASP A 376 -24.64 16.16 -14.83
N ILE A 377 -25.34 16.23 -15.95
CA ILE A 377 -24.93 17.05 -17.10
C ILE A 377 -25.93 18.18 -17.25
N GLU A 378 -25.43 19.40 -17.36
CA GLU A 378 -26.24 20.61 -17.37
C GLU A 378 -25.95 21.39 -18.65
N LEU A 379 -26.89 21.38 -19.59
CA LEU A 379 -26.79 22.13 -20.82
C LEU A 379 -27.66 23.37 -20.71
N VAL A 380 -27.05 24.54 -20.92
CA VAL A 380 -27.76 25.81 -20.91
C VAL A 380 -27.34 26.62 -22.12
N LEU A 381 -28.30 27.34 -22.71
CA LEU A 381 -28.04 28.16 -23.88
C LEU A 381 -27.41 29.47 -23.42
N GLU A 382 -26.14 29.69 -23.78
CA GLU A 382 -25.42 30.91 -23.44
C GLU A 382 -24.81 31.47 -24.73
N GLY A 383 -25.37 32.57 -25.21
CA GLY A 383 -24.90 33.13 -26.47
C GLY A 383 -25.33 32.27 -27.63
N ASP A 384 -24.42 32.10 -28.59
CA ASP A 384 -24.65 31.25 -29.75
C ASP A 384 -24.12 29.82 -29.55
N TRP A 385 -24.00 29.39 -28.30
CA TRP A 385 -23.38 28.10 -28.00
C TRP A 385 -24.15 27.41 -26.88
N LEU A 386 -24.06 26.08 -26.88
CA LEU A 386 -24.56 25.26 -25.78
C LEU A 386 -23.39 24.91 -24.87
N VAL A 387 -23.59 25.10 -23.56
CA VAL A 387 -22.52 24.92 -22.58
C VAL A 387 -22.84 23.72 -21.72
N LEU A 388 -21.85 22.86 -21.50
CA LEU A 388 -21.98 21.66 -20.68
C LEU A 388 -21.43 21.95 -19.29
N LYS A 389 -22.24 21.73 -18.27
CA LYS A 389 -21.85 21.94 -16.88
C LYS A 389 -22.04 20.63 -16.13
N GLN A 390 -20.93 19.96 -15.80
CA GLN A 390 -20.99 18.68 -15.12
C GLN A 390 -20.94 18.88 -13.61
N THR A 391 -21.61 17.98 -12.89
CA THR A 391 -21.68 18.03 -11.44
C THR A 391 -21.63 16.61 -10.89
N PRO A 392 -20.49 16.19 -10.34
CA PRO A 392 -20.38 14.83 -9.80
C PRO A 392 -21.31 14.62 -8.61
N LYS A 393 -22.03 13.50 -8.62
CA LYS A 393 -22.97 13.16 -7.56
C LYS A 393 -22.29 12.61 -6.31
N GLY A 394 -21.03 12.22 -6.40
CA GLY A 394 -20.37 11.51 -5.31
C GLY A 394 -20.48 10.01 -5.48
N GLY A 395 -19.81 9.30 -4.59
CA GLY A 395 -19.83 7.85 -4.59
C GLY A 395 -18.60 7.19 -5.18
N PHE A 396 -17.62 7.97 -5.63
CA PHE A 396 -16.37 7.43 -6.13
C PHE A 396 -15.19 8.03 -5.35
N PRO A 397 -14.18 7.21 -4.99
CA PRO A 397 -14.07 5.77 -5.28
C PRO A 397 -14.93 4.89 -4.36
N ARG A 398 -15.21 5.36 -3.15
CA ARG A 398 -16.03 4.63 -2.21
C ARG A 398 -17.43 5.21 -2.15
N LYS A 399 -18.37 4.39 -1.68
CA LYS A 399 -19.78 4.81 -1.58
C LYS A 399 -19.96 6.01 -0.65
N ASP A 400 -18.95 6.37 0.13
CA ASP A 400 -19.01 7.51 1.04
C ASP A 400 -18.11 8.66 0.62
N SER A 401 -17.20 8.43 -0.34
CA SER A 401 -16.29 9.46 -0.80
C SER A 401 -17.06 10.68 -1.29
N PRO A 402 -16.44 11.87 -1.26
CA PRO A 402 -17.18 13.10 -1.52
C PRO A 402 -17.32 13.36 -3.01
N PRO A 403 -18.16 14.32 -3.41
CA PRO A 403 -18.19 14.74 -4.82
C PRO A 403 -16.86 15.36 -5.22
N ARG A 404 -16.29 14.86 -6.32
CA ARG A 404 -15.05 15.41 -6.83
C ARG A 404 -15.27 16.83 -7.34
N PRO A 405 -14.21 17.64 -7.39
CA PRO A 405 -14.34 19.00 -7.93
C PRO A 405 -14.86 18.97 -9.37
N ALA A 406 -15.92 19.74 -9.60
CA ALA A 406 -16.52 19.78 -10.93
C ALA A 406 -15.60 20.51 -11.90
N PRO A 407 -15.50 20.05 -13.15
CA PRO A 407 -14.66 20.72 -14.13
C PRO A 407 -15.30 22.02 -14.58
N PRO A 408 -14.50 22.96 -15.11
CA PRO A 408 -15.09 24.18 -15.65
C PRO A 408 -16.00 23.87 -16.81
N PRO A 409 -17.02 24.69 -17.04
CA PRO A 409 -17.93 24.45 -18.16
C PRO A 409 -17.21 24.56 -19.50
N SER A 410 -17.82 23.96 -20.52
CA SER A 410 -17.26 23.99 -21.86
C SER A 410 -18.39 24.12 -22.88
N ARG A 411 -18.10 24.83 -23.96
CA ARG A 411 -19.07 24.98 -25.04
C ARG A 411 -19.17 23.69 -25.84
N LEU A 412 -20.39 23.41 -26.31
CA LEU A 412 -20.65 22.22 -27.11
C LEU A 412 -20.80 22.60 -28.57
N GLY A 413 -20.05 21.92 -29.43
CA GLY A 413 -20.12 22.18 -30.86
C GLY A 413 -20.51 20.94 -31.65
N PHE A 414 -21.44 21.10 -32.58
CA PHE A 414 -21.89 19.97 -33.39
C PHE A 414 -20.90 19.67 -34.50
N TYR A 415 -20.68 18.39 -34.74
CA TYR A 415 -19.93 17.92 -35.90
C TYR A 415 -20.73 16.98 -36.77
N ALA A 416 -21.96 16.68 -36.39
CA ALA A 416 -22.85 15.76 -37.09
C ALA A 416 -24.24 15.87 -36.46
N PRO A 417 -25.28 15.39 -37.12
CA PRO A 417 -26.61 15.40 -36.50
C PRO A 417 -26.61 14.68 -35.15
N ASP A 418 -27.05 15.40 -34.13
CA ASP A 418 -27.20 14.90 -32.76
C ASP A 418 -25.86 14.53 -32.12
N ARG A 419 -24.75 14.97 -32.69
CA ARG A 419 -23.41 14.65 -32.20
C ARG A 419 -22.65 15.92 -31.92
N VAL A 420 -22.10 16.03 -30.71
CA VAL A 420 -21.40 17.23 -30.25
C VAL A 420 -20.04 16.83 -29.70
N VAL A 421 -19.21 17.86 -29.47
CA VAL A 421 -17.92 17.69 -28.82
C VAL A 421 -17.60 18.97 -28.07
N ALA A 422 -16.92 18.83 -26.93
CA ALA A 422 -16.60 19.98 -26.10
C ALA A 422 -15.43 20.75 -26.69
N LEU A 423 -15.49 22.08 -26.59
CA LEU A 423 -14.55 22.96 -27.27
C LEU A 423 -13.58 23.66 -26.33
N ASP A 424 -13.71 23.50 -25.02
CA ASP A 424 -12.88 24.23 -24.07
C ASP A 424 -12.22 23.26 -23.09
N LEU A 425 -10.96 23.53 -22.78
CA LEU A 425 -10.26 22.75 -21.77
C LEU A 425 -10.93 22.94 -20.42
N PRO A 426 -10.95 21.89 -19.58
CA PRO A 426 -10.29 20.60 -19.78
C PRO A 426 -11.18 19.54 -20.42
N LEU A 427 -12.45 19.84 -20.62
CA LEU A 427 -13.38 18.90 -21.25
C LEU A 427 -13.19 18.82 -22.76
N LYS A 428 -12.29 19.62 -23.34
CA LYS A 428 -12.14 19.69 -24.79
C LYS A 428 -11.76 18.34 -25.37
N GLY A 429 -12.56 17.89 -26.34
CA GLY A 429 -12.29 16.65 -27.07
C GLY A 429 -13.31 15.55 -26.84
N SER A 430 -14.08 15.63 -25.75
CA SER A 430 -15.02 14.57 -25.41
C SER A 430 -16.28 14.69 -26.27
N ARG A 431 -16.60 13.62 -26.99
CA ARG A 431 -17.74 13.62 -27.90
C ARG A 431 -19.00 13.16 -27.17
N GLY A 432 -20.15 13.63 -27.66
CA GLY A 432 -21.43 13.25 -27.10
C GLY A 432 -22.43 12.97 -28.20
N GLU A 433 -23.48 12.23 -27.84
CA GLU A 433 -24.50 11.83 -28.79
C GLU A 433 -25.87 11.90 -28.13
N PHE A 434 -26.84 12.47 -28.84
CA PHE A 434 -28.23 12.51 -28.40
C PHE A 434 -28.99 11.38 -29.09
N LEU A 435 -29.32 10.34 -28.34
CA LEU A 435 -30.09 9.22 -28.85
C LEU A 435 -31.57 9.51 -28.63
N ARG A 436 -32.34 9.49 -29.72
CA ARG A 436 -33.74 9.88 -29.68
C ARG A 436 -34.64 8.65 -29.63
N GLY A 437 -35.80 8.80 -28.99
CA GLY A 437 -36.75 7.73 -28.89
C GLY A 437 -37.51 7.51 -30.17
N PRO A 438 -38.48 6.59 -30.12
CA PRO A 438 -39.24 6.28 -31.33
C PRO A 438 -40.14 7.42 -31.78
N ASP A 439 -40.57 8.29 -30.86
CA ASP A 439 -41.40 9.43 -31.22
C ASP A 439 -40.59 10.61 -31.75
N GLY A 440 -39.26 10.55 -31.65
CA GLY A 440 -38.41 11.66 -32.04
C GLY A 440 -37.88 12.47 -30.88
N SER A 441 -38.36 12.23 -29.66
CA SER A 441 -37.89 12.95 -28.50
C SER A 441 -36.56 12.37 -28.00
N ILE A 442 -35.82 13.21 -27.27
CA ILE A 442 -34.50 12.82 -26.77
C ILE A 442 -34.68 11.74 -25.71
N ALA A 443 -34.20 10.54 -25.99
CA ALA A 443 -34.29 9.43 -25.05
C ALA A 443 -33.08 9.38 -24.11
N TRP A 444 -31.88 9.64 -24.63
CA TRP A 444 -30.67 9.64 -23.82
C TRP A 444 -29.71 10.68 -24.36
N PHE A 445 -28.75 11.07 -23.52
CA PHE A 445 -27.60 11.85 -23.93
C PHE A 445 -26.35 11.07 -23.53
N ARG A 446 -25.74 10.39 -24.48
CA ARG A 446 -24.53 9.61 -24.22
C ARG A 446 -23.32 10.53 -24.24
N PHE A 447 -22.60 10.57 -23.12
CA PHE A 447 -21.41 11.41 -23.00
C PHE A 447 -20.35 10.65 -22.20
N GLY A 448 -19.17 10.52 -22.78
CA GLY A 448 -18.12 9.74 -22.14
C GLY A 448 -18.45 8.28 -21.98
N GLY A 449 -19.33 7.75 -22.82
CA GLY A 449 -19.74 6.36 -22.73
C GLY A 449 -20.90 6.08 -21.80
N ARG A 450 -21.33 7.07 -21.02
CA ARG A 450 -22.39 6.89 -20.04
C ARG A 450 -23.67 7.56 -20.53
N LEU A 451 -24.80 6.97 -20.14
CA LEU A 451 -26.12 7.44 -20.58
C LEU A 451 -26.74 8.30 -19.48
N PHE A 452 -27.30 9.43 -19.88
CA PHE A 452 -27.91 10.38 -18.96
C PHE A 452 -29.38 10.55 -19.34
N ARG A 453 -30.27 10.39 -18.37
CA ARG A 453 -31.70 10.43 -18.65
C ARG A 453 -32.19 11.88 -18.66
N PRO A 454 -32.96 12.28 -19.67
CA PRO A 454 -33.50 13.64 -19.70
C PRO A 454 -34.55 13.84 -18.62
N GLY A 455 -34.27 14.75 -17.69
CA GLY A 455 -35.22 15.07 -16.64
C GLY A 455 -36.07 16.28 -16.98
N GLN A 456 -35.45 17.31 -17.55
CA GLN A 456 -36.12 18.53 -17.98
C GLN A 456 -36.72 19.31 -16.82
N MET B 2 28.40 15.22 5.46
CA MET B 2 27.44 15.82 4.55
C MET B 2 26.16 15.02 4.46
N VAL B 3 25.29 15.18 5.45
CA VAL B 3 23.92 14.68 5.41
C VAL B 3 23.00 15.87 5.67
N THR B 4 22.02 16.06 4.80
CA THR B 4 21.16 17.24 4.89
C THR B 4 20.34 17.21 6.17
N VAL B 5 20.34 18.34 6.87
CA VAL B 5 19.51 18.53 8.05
C VAL B 5 18.23 19.23 7.60
N ASN B 6 17.09 18.58 7.81
CA ASN B 6 15.82 19.03 7.27
C ASN B 6 15.02 19.90 8.23
N GLU B 7 14.81 19.44 9.46
CA GLU B 7 13.98 20.17 10.41
C GLU B 7 14.64 20.18 11.79
N VAL B 8 14.53 21.30 12.49
CA VAL B 8 14.97 21.44 13.87
C VAL B 8 14.01 22.40 14.56
N SER B 9 13.29 21.90 15.57
CA SER B 9 12.36 22.76 16.30
C SER B 9 13.11 23.83 17.09
N ASP B 10 14.22 23.45 17.73
CA ASP B 10 15.07 24.37 18.48
C ASP B 10 16.52 24.09 18.09
N GLU B 11 17.06 24.91 17.20
CA GLU B 11 18.43 24.69 16.74
C GLU B 11 19.43 24.86 17.87
N ALA B 12 19.20 25.82 18.76
CA ALA B 12 20.16 26.11 19.82
C ALA B 12 20.22 25.00 20.86
N ARG B 13 19.05 24.58 21.36
CA ARG B 13 19.02 23.53 22.38
C ARG B 13 19.51 22.20 21.83
N LEU B 14 19.24 21.92 20.54
CA LEU B 14 19.68 20.70 19.90
C LEU B 14 20.97 20.90 19.10
N ARG B 15 21.77 21.91 19.46
CA ARG B 15 22.99 22.19 18.71
C ARG B 15 23.93 20.98 18.70
N ALA B 16 24.15 20.39 19.88
CA ALA B 16 25.04 19.23 19.95
C ALA B 16 24.38 17.98 19.40
N LEU B 17 23.06 17.91 19.41
CA LEU B 17 22.37 16.71 18.94
C LEU B 17 22.56 16.51 17.45
N VAL B 18 22.29 17.54 16.65
CA VAL B 18 22.39 17.41 15.19
C VAL B 18 23.78 16.97 14.77
N ASP B 19 24.81 17.42 15.50
CA ASP B 19 26.17 17.07 15.13
C ASP B 19 26.46 15.59 15.38
N ARG B 20 25.91 15.03 16.46
CA ARG B 20 26.19 13.63 16.79
C ARG B 20 25.48 12.70 15.80
N VAL B 21 24.28 13.07 15.35
CA VAL B 21 23.55 12.20 14.44
C VAL B 21 24.09 12.31 13.02
N THR B 22 24.40 13.53 12.56
CA THR B 22 24.93 13.70 11.21
C THR B 22 26.22 12.92 11.01
N GLY B 23 27.01 12.74 12.06
CA GLY B 23 28.20 11.94 11.98
C GLY B 23 27.92 10.45 12.08
N LEU B 24 26.99 10.08 12.97
CA LEU B 24 26.67 8.67 13.15
C LEU B 24 25.94 8.07 11.95
N MET B 25 25.28 8.89 11.13
CA MET B 25 24.60 8.38 9.96
C MET B 25 25.60 8.01 8.86
N THR B 26 26.55 8.91 8.60
CA THR B 26 27.58 8.62 7.60
C THR B 26 28.47 7.45 8.02
N GLU B 27 28.58 7.17 9.32
CA GLU B 27 29.41 6.07 9.78
C GLU B 27 28.74 4.73 9.55
N LEU B 28 27.49 4.59 9.97
CA LEU B 28 26.78 3.31 9.87
C LEU B 28 26.02 3.16 8.56
N GLY B 29 25.63 4.27 7.93
CA GLY B 29 24.96 4.20 6.65
C GLY B 29 23.45 4.21 6.71
N VAL B 30 22.86 4.93 7.66
CA VAL B 30 21.40 5.03 7.72
C VAL B 30 20.99 6.24 6.87
N PRO B 31 19.96 6.11 6.04
CA PRO B 31 19.59 7.23 5.15
C PRO B 31 18.81 8.32 5.86
N GLY B 32 17.95 7.95 6.80
CA GLY B 32 17.14 8.95 7.49
C GLY B 32 16.72 8.58 8.89
N VAL B 33 16.78 9.55 9.81
CA VAL B 33 16.29 9.37 11.16
C VAL B 33 15.35 10.52 11.51
N ALA B 34 14.46 10.26 12.46
CA ALA B 34 13.53 11.25 12.98
C ALA B 34 13.57 11.21 14.49
N VAL B 35 13.83 12.35 15.11
CA VAL B 35 14.05 12.45 16.55
C VAL B 35 12.96 13.31 17.16
N GLY B 36 12.38 12.83 18.26
CA GLY B 36 11.39 13.60 19.00
C GLY B 36 11.62 13.55 20.49
N ILE B 37 11.69 14.71 21.14
CA ILE B 37 11.95 14.79 22.57
C ILE B 37 10.83 15.62 23.20
N LEU B 38 10.20 15.05 24.22
CA LEU B 38 9.11 15.69 24.94
C LEU B 38 9.52 15.86 26.40
N HIS B 39 9.60 17.11 26.86
CA HIS B 39 9.98 17.42 28.23
C HIS B 39 9.04 18.50 28.75
N GLY B 40 8.14 18.14 29.64
CA GLY B 40 7.15 19.07 30.15
C GLY B 40 6.16 19.47 29.08
N ASP B 41 6.07 20.76 28.80
CA ASP B 41 5.23 21.27 27.73
C ASP B 41 6.01 21.60 26.46
N ARG B 42 7.34 21.45 26.50
CA ARG B 42 8.17 21.71 25.34
C ARG B 42 8.41 20.42 24.57
N GLU B 43 8.26 20.49 23.25
CA GLU B 43 8.52 19.37 22.37
C GLU B 43 9.63 19.74 21.40
N TYR B 44 10.59 18.84 21.21
CA TYR B 44 11.75 19.07 20.36
C TYR B 44 11.77 18.02 19.26
N THR B 45 11.67 18.47 18.02
CA THR B 45 11.68 17.59 16.85
C THR B 45 12.92 17.88 16.01
N ALA B 46 13.33 16.89 15.24
CA ALA B 46 14.52 17.01 14.40
C ALA B 46 14.40 16.06 13.22
N GLY B 47 14.35 16.62 12.01
CA GLY B 47 14.27 15.84 10.78
C GLY B 47 15.65 15.67 10.16
N PHE B 48 15.88 14.49 9.60
CA PHE B 48 17.21 14.14 9.13
C PHE B 48 17.12 13.25 7.89
N GLY B 49 18.01 13.51 6.93
CA GLY B 49 18.23 12.57 5.84
C GLY B 49 17.06 12.46 4.86
N VAL B 50 16.98 11.30 4.22
CA VAL B 50 16.02 11.03 3.16
C VAL B 50 15.20 9.80 3.53
N THR B 51 13.98 9.73 2.99
CA THR B 51 13.09 8.61 3.29
C THR B 51 13.46 7.33 2.56
N SER B 52 14.19 7.44 1.44
CA SER B 52 14.54 6.26 0.66
C SER B 52 15.84 6.53 -0.08
N LEU B 53 16.52 5.46 -0.48
CA LEU B 53 17.72 5.58 -1.30
C LEU B 53 17.40 5.59 -2.78
N GLU B 54 16.37 4.87 -3.20
CA GLU B 54 15.91 4.93 -4.58
C GLU B 54 15.01 6.14 -4.83
N ASN B 55 14.24 6.55 -3.83
CA ASN B 55 13.32 7.68 -3.94
C ASN B 55 13.44 8.60 -2.72
N PRO B 56 14.56 9.32 -2.58
CA PRO B 56 14.72 10.22 -1.44
C PRO B 56 13.62 11.27 -1.35
N LEU B 57 13.30 11.65 -0.11
CA LEU B 57 12.43 12.76 0.26
C LEU B 57 12.84 13.18 1.65
N PRO B 58 12.84 14.47 1.96
CA PRO B 58 13.28 14.89 3.30
C PRO B 58 12.39 14.31 4.39
N VAL B 59 13.03 13.71 5.40
CA VAL B 59 12.32 13.14 6.54
C VAL B 59 11.96 14.26 7.51
N THR B 60 10.69 14.34 7.88
CA THR B 60 10.19 15.31 8.83
C THR B 60 9.65 14.60 10.07
N ALA B 61 9.14 15.38 11.02
CA ALA B 61 8.52 14.80 12.20
C ALA B 61 7.21 14.09 11.86
N GLY B 62 6.60 14.42 10.72
CA GLY B 62 5.41 13.76 10.26
C GLY B 62 5.63 12.60 9.32
N THR B 63 6.88 12.27 9.03
CA THR B 63 7.18 11.13 8.16
C THR B 63 6.76 9.84 8.84
N LEU B 64 6.05 8.99 8.09
CA LEU B 64 5.48 7.78 8.66
C LEU B 64 6.52 6.66 8.67
N PHE B 65 6.84 6.17 9.87
CA PHE B 65 7.78 5.09 10.06
C PHE B 65 7.06 3.85 10.55
N GLN B 66 7.60 2.68 10.22
CA GLN B 66 7.10 1.41 10.76
C GLN B 66 7.69 1.23 12.15
N VAL B 67 6.90 1.53 13.18
CA VAL B 67 7.38 1.46 14.56
C VAL B 67 7.65 0.03 15.01
N GLY B 68 7.30 -0.96 14.20
CA GLY B 68 7.69 -2.33 14.51
C GLY B 68 6.99 -2.86 15.75
N SER B 69 7.73 -3.69 16.51
CA SER B 69 7.19 -4.39 17.66
C SER B 69 6.69 -3.45 18.75
N ILE B 70 6.83 -2.13 18.54
CA ILE B 70 6.24 -1.16 19.44
C ILE B 70 4.73 -1.32 19.50
N THR B 71 4.13 -1.86 18.43
CA THR B 71 2.69 -2.08 18.39
C THR B 71 2.21 -2.93 19.56
N LYS B 72 3.10 -3.76 20.13
CA LYS B 72 2.72 -4.59 21.26
C LYS B 72 2.21 -3.74 22.42
N THR B 73 2.80 -2.55 22.62
CA THR B 73 2.30 -1.66 23.66
C THR B 73 0.90 -1.15 23.34
N PHE B 74 0.60 -0.92 22.07
CA PHE B 74 -0.73 -0.50 21.68
C PHE B 74 -1.75 -1.61 21.91
N THR B 75 -1.36 -2.86 21.60
CA THR B 75 -2.27 -3.99 21.83
C THR B 75 -2.59 -4.15 23.31
N GLY B 76 -1.58 -4.02 24.17
CA GLY B 76 -1.83 -4.09 25.60
C GLY B 76 -2.70 -2.96 26.11
N THR B 77 -2.59 -1.78 25.49
CA THR B 77 -3.45 -0.66 25.87
C THR B 77 -4.91 -0.96 25.55
N ALA B 78 -5.16 -1.59 24.40
CA ALA B 78 -6.53 -1.96 24.06
C ALA B 78 -7.08 -3.00 25.03
N LEU B 79 -6.29 -4.02 25.34
CA LEU B 79 -6.71 -5.02 26.31
C LEU B 79 -6.91 -4.41 27.69
N MET B 80 -6.06 -3.45 28.06
CA MET B 80 -6.23 -2.77 29.34
C MET B 80 -7.45 -1.86 29.34
N ARG B 81 -7.85 -1.38 28.15
CA ARG B 81 -9.11 -0.64 28.06
C ARG B 81 -10.30 -1.58 28.26
N LEU B 82 -10.23 -2.78 27.67
CA LEU B 82 -11.24 -3.79 27.93
C LEU B 82 -11.16 -4.32 29.36
N VAL B 83 -9.99 -4.21 30.01
CA VAL B 83 -9.88 -4.54 31.42
C VAL B 83 -10.77 -3.60 32.24
N GLU B 84 -10.65 -2.29 32.00
CA GLU B 84 -11.34 -1.31 32.81
C GLU B 84 -12.85 -1.39 32.63
N ALA B 85 -13.31 -1.65 31.40
CA ALA B 85 -14.74 -1.78 31.14
C ALA B 85 -15.34 -3.03 31.75
N GLY B 86 -14.55 -3.84 32.46
CA GLY B 86 -15.06 -5.07 33.03
C GLY B 86 -15.34 -6.15 32.01
N ARG B 87 -14.75 -6.06 30.83
CA ARG B 87 -15.02 -7.02 29.76
C ARG B 87 -14.05 -8.20 29.79
N ILE B 88 -12.77 -7.97 30.10
CA ILE B 88 -11.77 -9.02 30.16
C ILE B 88 -10.96 -8.85 31.44
N ARG B 89 -10.21 -9.90 31.78
CA ARG B 89 -9.35 -9.92 32.95
C ARG B 89 -8.04 -10.60 32.57
N LEU B 90 -6.91 -9.97 32.92
CA LEU B 90 -5.61 -10.53 32.58
C LEU B 90 -5.41 -11.90 33.19
N GLU B 91 -5.93 -12.12 34.39
CA GLU B 91 -5.78 -13.40 35.07
C GLU B 91 -6.67 -14.49 34.48
N ASP B 92 -7.61 -14.14 33.62
CA ASP B 92 -8.49 -15.12 33.02
C ASP B 92 -7.76 -15.92 31.95
N PRO B 93 -8.02 -17.23 31.86
CA PRO B 93 -7.40 -18.03 30.79
C PRO B 93 -7.80 -17.51 29.42
N VAL B 94 -7.00 -17.88 28.41
CA VAL B 94 -7.25 -17.43 27.05
C VAL B 94 -8.53 -18.07 26.52
N ARG B 95 -8.75 -19.35 26.82
CA ARG B 95 -9.90 -20.07 26.29
C ARG B 95 -11.23 -19.55 26.81
N LYS B 96 -11.23 -18.66 27.81
CA LYS B 96 -12.47 -18.00 28.20
C LYS B 96 -13.01 -17.14 27.07
N TYR B 97 -12.12 -16.53 26.29
CA TYR B 97 -12.50 -15.74 25.12
C TYR B 97 -12.26 -16.48 23.81
N LEU B 98 -11.31 -17.41 23.78
CA LEU B 98 -10.99 -18.20 22.59
C LEU B 98 -11.16 -19.67 22.95
N PRO B 99 -12.40 -20.16 23.04
CA PRO B 99 -12.62 -21.54 23.49
C PRO B 99 -11.93 -22.58 22.62
N ASP B 100 -11.66 -22.27 21.35
CA ASP B 100 -10.98 -23.19 20.46
C ASP B 100 -9.47 -23.03 20.47
N PHE B 101 -8.94 -22.10 21.26
CA PHE B 101 -7.50 -21.84 21.26
C PHE B 101 -6.72 -23.08 21.69
N ARG B 102 -5.62 -23.34 20.99
CA ARG B 102 -4.80 -24.49 21.34
C ARG B 102 -3.38 -24.29 20.80
N VAL B 103 -2.41 -24.75 21.59
CA VAL B 103 -1.04 -24.91 21.13
C VAL B 103 -0.72 -26.41 21.20
N LYS B 104 0.53 -26.77 20.89
CA LYS B 104 0.89 -28.19 20.88
C LYS B 104 0.73 -28.82 22.25
N ASP B 105 1.13 -28.12 23.30
CA ASP B 105 0.99 -28.64 24.65
C ASP B 105 -0.46 -28.53 25.10
N ALA B 106 -1.01 -29.64 25.61
CA ALA B 106 -2.41 -29.65 26.02
C ALA B 106 -2.63 -28.94 27.34
N SER B 107 -1.71 -29.11 28.30
CA SER B 107 -1.89 -28.48 29.60
C SER B 107 -1.68 -26.98 29.52
N VAL B 108 -0.70 -26.53 28.73
CA VAL B 108 -0.44 -25.10 28.61
C VAL B 108 -1.63 -24.39 27.96
N SER B 109 -2.27 -25.05 26.98
CA SER B 109 -3.41 -24.45 26.30
C SER B 109 -4.55 -24.16 27.27
N ALA B 110 -4.66 -24.95 28.34
CA ALA B 110 -5.75 -24.78 29.31
C ALA B 110 -5.38 -23.85 30.45
N ALA B 111 -4.12 -23.45 30.58
CA ALA B 111 -3.68 -22.67 31.72
C ALA B 111 -3.13 -21.29 31.37
N VAL B 112 -2.83 -21.02 30.09
CA VAL B 112 -2.29 -19.73 29.71
C VAL B 112 -3.34 -18.65 29.86
N THR B 113 -2.93 -17.49 30.38
CA THR B 113 -3.81 -16.35 30.61
C THR B 113 -3.44 -15.20 29.67
N VAL B 114 -4.24 -14.13 29.73
CA VAL B 114 -3.95 -12.94 28.94
C VAL B 114 -2.67 -12.27 29.44
N ARG B 115 -2.45 -12.30 30.75
CA ARG B 115 -1.22 -11.75 31.31
C ARG B 115 0.01 -12.48 30.78
N HIS B 116 -0.13 -13.79 30.50
CA HIS B 116 0.98 -14.54 29.93
C HIS B 116 1.35 -14.02 28.55
N LEU B 117 0.35 -13.59 27.77
CA LEU B 117 0.63 -13.07 26.44
C LEU B 117 1.32 -11.72 26.51
N LEU B 118 0.91 -10.86 27.42
CA LEU B 118 1.42 -9.50 27.50
C LEU B 118 2.76 -9.39 28.22
N THR B 119 3.22 -10.47 28.86
CA THR B 119 4.47 -10.44 29.60
C THR B 119 5.52 -11.41 29.04
N HIS B 120 5.27 -11.99 27.86
CA HIS B 120 6.21 -12.90 27.21
C HIS B 120 6.59 -14.07 28.11
N THR B 121 5.57 -14.70 28.70
CA THR B 121 5.77 -15.83 29.60
C THR B 121 4.98 -17.05 29.13
N GLY B 122 4.74 -17.16 27.83
CA GLY B 122 3.95 -18.26 27.32
C GLY B 122 4.73 -19.57 27.27
N GLY B 123 6.01 -19.50 26.92
CA GLY B 123 6.85 -20.65 26.85
C GLY B 123 6.87 -21.35 25.50
N TRP B 124 5.85 -21.15 24.67
CA TRP B 124 5.85 -21.72 23.34
C TRP B 124 6.82 -20.95 22.43
N VAL B 125 7.00 -21.45 21.21
CA VAL B 125 7.89 -20.80 20.26
C VAL B 125 7.34 -19.41 19.94
N GLY B 126 8.16 -18.39 20.18
CA GLY B 126 7.72 -17.02 20.01
C GLY B 126 7.73 -16.54 18.58
N ASP B 127 8.77 -16.91 17.83
CA ASP B 127 8.94 -16.43 16.45
C ASP B 127 8.30 -17.45 15.51
N TYR B 128 7.12 -17.12 14.99
CA TYR B 128 6.38 -18.00 14.09
C TYR B 128 5.55 -17.13 13.17
N PHE B 129 5.93 -17.08 11.89
CA PHE B 129 5.33 -16.14 10.95
C PHE B 129 4.94 -16.85 9.66
N GLU B 130 3.73 -16.54 9.18
CA GLU B 130 3.27 -16.95 7.86
C GLU B 130 2.24 -15.92 7.40
N ASP B 131 1.66 -16.16 6.22
CA ASP B 131 0.68 -15.26 5.64
C ASP B 131 -0.61 -16.02 5.34
N PHE B 132 -1.74 -15.36 5.60
CA PHE B 132 -3.06 -15.93 5.35
C PHE B 132 -3.95 -14.92 4.63
N GLY B 133 -3.35 -14.15 3.71
CA GLY B 133 -4.11 -13.20 2.93
C GLY B 133 -4.15 -11.81 3.55
N LEU B 134 -4.89 -10.94 2.86
CA LEU B 134 -5.07 -9.56 3.30
C LEU B 134 -6.46 -9.32 3.91
N GLY B 135 -7.21 -10.38 4.19
CA GLY B 135 -8.56 -10.23 4.68
C GLY B 135 -8.64 -10.14 6.19
N ASP B 136 -9.85 -9.86 6.67
CA ASP B 136 -10.10 -9.79 8.11
C ASP B 136 -10.02 -11.15 8.78
N ASP B 137 -9.90 -12.22 8.01
CA ASP B 137 -9.77 -13.58 8.53
C ASP B 137 -8.33 -13.99 8.75
N ALA B 138 -7.36 -13.12 8.43
CA ALA B 138 -5.96 -13.51 8.52
C ALA B 138 -5.55 -13.81 9.96
N LEU B 139 -6.05 -13.03 10.91
CA LEU B 139 -5.70 -13.26 12.30
C LEU B 139 -6.33 -14.54 12.85
N ALA B 140 -7.53 -14.88 12.39
CA ALA B 140 -8.19 -16.08 12.85
C ALA B 140 -7.46 -17.33 12.38
N ARG B 141 -7.02 -17.35 11.12
CA ARG B 141 -6.34 -18.52 10.60
C ARG B 141 -4.96 -18.70 11.22
N MET B 142 -4.34 -17.62 11.68
CA MET B 142 -3.01 -17.73 12.28
C MET B 142 -3.09 -18.32 13.68
N VAL B 143 -4.01 -17.83 14.51
CA VAL B 143 -4.18 -18.38 15.86
C VAL B 143 -4.56 -19.85 15.79
N ALA B 144 -5.40 -20.22 14.81
CA ALA B 144 -5.74 -21.62 14.63
C ALA B 144 -4.54 -22.44 14.17
N ALA B 145 -3.65 -21.83 13.38
CA ALA B 145 -2.43 -22.51 12.96
C ALA B 145 -1.45 -22.71 14.11
N MET B 146 -1.69 -22.10 15.26
CA MET B 146 -0.81 -22.22 16.42
C MET B 146 -0.98 -23.54 17.17
N ALA B 147 -1.86 -24.43 16.70
CA ALA B 147 -2.09 -25.69 17.38
C ALA B 147 -0.88 -26.62 17.36
N ASP B 148 0.16 -26.27 16.62
CA ASP B 148 1.36 -27.10 16.51
C ASP B 148 2.60 -26.42 17.09
N LEU B 149 2.47 -25.23 17.64
CA LEU B 149 3.62 -24.54 18.20
C LEU B 149 4.14 -25.27 19.43
N PRO B 150 5.32 -25.86 19.39
CA PRO B 150 5.82 -26.62 20.54
C PRO B 150 6.32 -25.69 21.63
N GLN B 151 6.60 -26.29 22.79
CA GLN B 151 7.03 -25.55 23.96
C GLN B 151 8.55 -25.52 24.01
N ILE B 152 9.13 -24.31 24.02
CA ILE B 152 10.55 -24.18 24.33
C ILE B 152 10.79 -24.44 25.80
N THR B 153 10.04 -23.75 26.65
CA THR B 153 10.08 -23.93 28.10
C THR B 153 8.64 -23.93 28.62
N PRO B 154 8.41 -24.49 29.80
CA PRO B 154 7.11 -24.34 30.45
C PRO B 154 6.84 -22.88 30.79
N PRO B 155 5.58 -22.49 30.96
CA PRO B 155 5.29 -21.08 31.28
C PRO B 155 5.84 -20.68 32.63
N ASP B 156 6.20 -19.39 32.73
CA ASP B 156 6.70 -18.79 33.96
C ASP B 156 7.99 -19.46 34.44
N THR B 157 8.81 -19.96 33.51
CA THR B 157 10.08 -20.58 33.84
C THR B 157 11.24 -19.74 33.30
N VAL B 158 11.44 -19.71 31.99
CA VAL B 158 12.50 -18.94 31.36
C VAL B 158 11.85 -17.87 30.49
N TRP B 159 12.13 -16.61 30.80
CA TRP B 159 11.58 -15.51 30.01
C TRP B 159 12.21 -15.50 28.62
N ALA B 160 11.38 -15.22 27.61
CA ALA B 160 11.84 -15.16 26.23
C ALA B 160 10.87 -14.29 25.45
N TYR B 161 11.40 -13.53 24.49
CA TYR B 161 10.56 -12.72 23.62
C TYR B 161 9.59 -13.61 22.85
N ASN B 162 8.31 -13.26 22.91
CA ASN B 162 7.23 -14.09 22.37
C ASN B 162 6.34 -13.23 21.47
N ASN B 163 6.68 -13.17 20.19
CA ASN B 163 5.81 -12.49 19.23
C ASN B 163 4.50 -13.22 19.06
N ALA B 164 4.53 -14.55 19.09
CA ALA B 164 3.35 -15.34 18.81
C ALA B 164 2.23 -15.07 19.80
N GLY B 165 2.57 -14.83 21.07
CA GLY B 165 1.55 -14.58 22.08
C GLY B 165 0.66 -13.40 21.75
N PHE B 166 1.17 -12.46 20.95
CA PHE B 166 0.37 -11.29 20.60
C PHE B 166 -0.55 -11.53 19.42
N TYR B 167 -0.33 -12.59 18.64
CA TYR B 167 -1.38 -13.08 17.75
C TYR B 167 -2.65 -13.36 18.55
N VAL B 168 -2.50 -14.02 19.70
CA VAL B 168 -3.64 -14.36 20.54
C VAL B 168 -4.13 -13.13 21.28
N ALA B 169 -3.20 -12.35 21.85
CA ALA B 169 -3.58 -11.13 22.56
C ALA B 169 -4.31 -10.16 21.64
N GLY B 170 -3.95 -10.13 20.36
CA GLY B 170 -4.68 -9.32 19.40
C GLY B 170 -6.00 -9.96 19.01
N ARG B 171 -6.01 -11.28 18.85
CA ARG B 171 -7.25 -11.97 18.51
C ARG B 171 -8.28 -11.85 19.62
N ILE B 172 -7.84 -11.73 20.88
CA ILE B 172 -8.78 -11.54 21.98
C ILE B 172 -9.50 -10.21 21.85
N VAL B 173 -8.80 -9.18 21.35
CA VAL B 173 -9.45 -7.90 21.09
C VAL B 173 -10.48 -8.04 19.98
N GLU B 174 -10.17 -8.84 18.95
CA GLU B 174 -11.10 -9.03 17.84
C GLU B 174 -12.41 -9.65 18.31
N VAL B 175 -12.33 -10.70 19.12
CA VAL B 175 -13.53 -11.43 19.51
C VAL B 175 -14.33 -10.65 20.53
N VAL B 176 -13.66 -9.95 21.45
CA VAL B 176 -14.36 -9.24 22.51
C VAL B 176 -15.13 -8.05 21.95
N THR B 177 -14.52 -7.31 21.01
CA THR B 177 -15.19 -6.13 20.46
C THR B 177 -16.11 -6.49 19.30
N GLY B 178 -15.83 -7.57 18.58
CA GLY B 178 -16.61 -7.91 17.41
C GLY B 178 -16.22 -7.14 16.16
N LYS B 179 -15.03 -6.57 16.14
CA LYS B 179 -14.51 -5.80 15.01
C LYS B 179 -13.15 -6.36 14.61
N PRO B 180 -12.68 -6.05 13.41
CA PRO B 180 -11.31 -6.40 13.05
C PRO B 180 -10.31 -5.77 14.00
N TYR B 181 -9.13 -6.40 14.11
CA TYR B 181 -8.12 -5.90 15.03
C TYR B 181 -7.70 -4.48 14.71
N GLU B 182 -7.51 -4.18 13.42
CA GLU B 182 -7.13 -2.83 13.02
C GLU B 182 -8.25 -1.84 13.32
N SER B 183 -9.50 -2.26 13.12
CA SER B 183 -10.63 -1.39 13.47
C SER B 183 -10.75 -1.24 14.98
N ALA B 184 -10.66 -2.35 15.72
CA ALA B 184 -10.80 -2.30 17.17
C ALA B 184 -9.77 -1.36 17.81
N LEU B 185 -8.56 -1.29 17.25
CA LEU B 185 -7.56 -0.38 17.79
C LEU B 185 -7.98 1.08 17.62
N ARG B 186 -8.58 1.41 16.47
CA ARG B 186 -9.08 2.76 16.25
C ARG B 186 -10.16 3.11 17.26
N GLU B 187 -11.12 2.19 17.46
CA GLU B 187 -12.24 2.47 18.36
C GLU B 187 -11.81 2.60 19.81
N LEU B 188 -10.68 1.99 20.19
CA LEU B 188 -10.29 1.89 21.58
C LEU B 188 -9.26 2.94 22.00
N VAL B 189 -8.21 3.15 21.20
CA VAL B 189 -7.12 4.01 21.65
C VAL B 189 -6.75 5.05 20.60
N LEU B 190 -6.65 4.63 19.34
CA LEU B 190 -6.13 5.51 18.30
C LEU B 190 -7.00 6.75 18.13
N ASP B 191 -8.29 6.56 17.88
CA ASP B 191 -9.20 7.69 17.71
C ASP B 191 -9.46 8.44 19.01
N PRO B 192 -9.61 7.77 20.16
CA PRO B 192 -9.74 8.53 21.43
C PRO B 192 -8.57 9.44 21.71
N LEU B 193 -7.37 9.10 21.23
CA LEU B 193 -6.18 9.91 21.48
C LEU B 193 -5.84 10.85 20.33
N ASP B 194 -6.68 10.89 19.29
CA ASP B 194 -6.52 11.81 18.16
C ASP B 194 -5.17 11.61 17.47
N LEU B 195 -5.03 10.44 16.85
CA LEU B 195 -3.86 10.07 16.05
C LEU B 195 -4.37 9.61 14.69
N GLU B 196 -4.52 10.55 13.75
CA GLU B 196 -4.98 10.17 12.42
C GLU B 196 -3.91 9.37 11.68
N HIS B 197 -2.69 9.92 11.60
CA HIS B 197 -1.62 9.28 10.84
C HIS B 197 -0.98 8.14 11.63
N ALA B 198 -1.81 7.15 11.93
CA ALA B 198 -1.39 5.88 12.56
C ALA B 198 -2.13 4.78 11.80
N TYR B 199 -1.49 4.23 10.78
CA TYR B 199 -2.12 3.29 9.87
C TYR B 199 -1.50 1.90 10.02
N PHE B 200 -2.10 0.95 9.31
CA PHE B 200 -1.62 -0.43 9.26
C PHE B 200 -1.40 -0.95 7.86
N PHE B 201 -2.00 -0.33 6.84
CA PHE B 201 -1.96 -0.84 5.48
C PHE B 201 -1.16 0.09 4.58
N ALA B 202 -0.62 -0.49 3.51
CA ALA B 202 0.10 0.31 2.52
C ALA B 202 -0.83 1.24 1.76
N HIS B 203 -2.11 0.85 1.60
CA HIS B 203 -3.04 1.66 0.81
C HIS B 203 -3.53 2.90 1.54
N ASP B 204 -3.20 3.06 2.82
CA ASP B 204 -3.50 4.29 3.54
C ASP B 204 -2.27 5.16 3.75
N VAL B 205 -1.08 4.56 3.77
CA VAL B 205 0.15 5.32 3.92
C VAL B 205 0.67 5.83 2.58
N ILE B 206 0.23 5.23 1.48
CA ILE B 206 0.83 5.48 0.17
C ILE B 206 0.69 6.93 -0.26
N SER B 207 -0.37 7.62 0.20
CA SER B 207 -0.61 9.00 -0.23
C SER B 207 0.18 10.02 0.56
N TYR B 208 0.84 9.61 1.64
CA TYR B 208 1.56 10.52 2.52
C TYR B 208 3.06 10.30 2.40
N ARG B 209 3.82 10.95 3.28
CA ARG B 209 5.27 10.80 3.33
C ARG B 209 5.61 9.61 4.22
N PHE B 210 6.35 8.65 3.69
CA PHE B 210 6.70 7.44 4.41
C PHE B 210 8.16 7.11 4.17
N ALA B 211 8.70 6.27 5.04
CA ALA B 211 10.08 5.80 4.94
C ALA B 211 10.07 4.32 4.59
N VAL B 212 10.87 3.95 3.59
CA VAL B 212 11.06 2.55 3.24
C VAL B 212 12.24 2.00 4.01
N GLY B 213 12.25 0.69 4.22
CA GLY B 213 13.33 0.06 4.95
C GLY B 213 14.58 -0.10 4.11
N HIS B 214 15.73 -0.15 4.78
CA HIS B 214 17.01 -0.30 4.12
C HIS B 214 17.82 -1.40 4.78
N LEU B 215 18.27 -2.37 3.98
CA LEU B 215 19.13 -3.45 4.45
C LEU B 215 20.56 -3.17 4.04
N THR B 216 21.50 -3.51 4.92
CA THR B 216 22.92 -3.32 4.65
C THR B 216 23.53 -4.65 4.24
N GLY B 217 23.92 -4.76 2.97
CA GLY B 217 24.56 -5.92 2.44
C GLY B 217 26.03 -5.70 2.16
N GLU B 218 26.58 -6.54 1.27
CA GLU B 218 27.99 -6.42 0.93
C GLU B 218 28.26 -5.17 0.11
N ALA B 219 27.44 -4.93 -0.91
CA ALA B 219 27.58 -3.76 -1.76
C ALA B 219 27.06 -2.48 -1.12
N GLY B 220 26.69 -2.51 0.16
CA GLY B 220 26.19 -1.35 0.84
C GLY B 220 24.72 -1.46 1.17
N PRO B 221 24.13 -0.37 1.65
CA PRO B 221 22.70 -0.39 1.95
C PRO B 221 21.84 -0.37 0.69
N PHE B 222 20.69 -1.03 0.77
CA PHE B 222 19.76 -1.07 -0.35
C PHE B 222 18.34 -1.09 0.18
N VAL B 223 17.40 -0.72 -0.67
CA VAL B 223 15.99 -0.67 -0.28
C VAL B 223 15.51 -2.09 0.03
N ALA B 224 14.85 -2.23 1.19
CA ALA B 224 14.43 -3.55 1.67
C ALA B 224 13.08 -3.93 1.07
N ARG B 225 13.04 -5.10 0.44
CA ARG B 225 11.81 -5.67 -0.09
C ARG B 225 11.59 -7.07 0.50
N PRO B 226 10.35 -7.42 0.86
CA PRO B 226 9.16 -6.60 0.69
C PRO B 226 8.94 -5.57 1.79
N TRP B 227 8.36 -4.43 1.42
CA TRP B 227 8.07 -3.38 2.39
C TRP B 227 6.98 -3.81 3.36
N ALA B 228 6.06 -4.65 2.92
CA ALA B 228 4.88 -4.98 3.69
C ALA B 228 5.13 -6.13 4.66
N LEU B 229 4.43 -6.08 5.78
CA LEU B 229 4.32 -7.14 6.77
C LEU B 229 2.97 -7.84 6.63
N PRO B 230 2.90 -9.13 6.93
CA PRO B 230 1.62 -9.83 6.86
C PRO B 230 0.58 -9.18 7.77
N ARG B 231 -0.69 -9.26 7.34
CA ARG B 231 -1.76 -8.62 8.10
C ARG B 231 -1.95 -9.27 9.46
N CYS B 232 -1.76 -10.59 9.55
CA CYS B 232 -1.92 -11.28 10.82
C CYS B 232 -0.88 -10.85 11.85
N ALA B 233 0.26 -10.31 11.41
CA ALA B 233 1.29 -9.82 12.31
C ALA B 233 1.06 -8.38 12.75
N ASN B 234 -0.12 -7.82 12.47
CA ASN B 234 -0.41 -6.47 12.91
C ASN B 234 -0.46 -6.33 14.43
N PRO B 235 -1.03 -7.25 15.21
CA PRO B 235 -0.91 -7.14 16.67
C PRO B 235 0.51 -7.31 17.18
N VAL B 236 1.43 -7.79 16.36
CA VAL B 236 2.82 -7.99 16.77
C VAL B 236 3.60 -6.70 16.53
N GLY B 237 3.59 -6.22 15.30
CA GLY B 237 4.32 -5.00 14.98
C GLY B 237 4.02 -4.43 13.61
N GLY B 238 2.75 -4.13 13.35
CA GLY B 238 2.35 -3.65 12.04
C GLY B 238 1.97 -2.18 12.00
N LEU B 239 2.10 -1.49 13.13
CA LEU B 239 1.69 -0.09 13.18
C LEU B 239 2.69 0.78 12.46
N ILE B 240 2.16 1.78 11.73
CA ILE B 240 2.96 2.75 10.99
C ILE B 240 2.50 4.14 11.42
N THR B 241 3.40 4.92 12.01
CA THR B 241 3.06 6.24 12.49
C THR B 241 4.30 7.12 12.45
N SER B 242 4.16 8.35 12.96
CA SER B 242 5.20 9.36 12.90
C SER B 242 5.58 9.82 14.31
N VAL B 243 6.51 10.78 14.37
CA VAL B 243 6.92 11.33 15.65
C VAL B 243 5.83 12.23 16.23
N ARG B 244 5.10 12.95 15.37
CA ARG B 244 4.07 13.87 15.83
C ARG B 244 2.97 13.14 16.59
N GLU B 245 2.68 11.89 16.21
CA GLU B 245 1.61 11.15 16.89
C GLU B 245 2.11 10.44 18.12
N LEU B 246 3.37 9.95 18.10
CA LEU B 246 3.90 9.27 19.26
C LEU B 246 4.05 10.19 20.47
N PHE B 247 4.02 11.51 20.26
CA PHE B 247 4.02 12.44 21.38
C PHE B 247 2.72 12.33 22.18
N LYS B 248 1.59 12.35 21.49
CA LYS B 248 0.30 12.20 22.17
C LYS B 248 0.20 10.84 22.86
N TYR B 249 0.73 9.79 22.21
CA TYR B 249 0.78 8.48 22.85
C TYR B 249 1.68 8.51 24.08
N ALA B 250 2.83 9.18 23.98
CA ALA B 250 3.70 9.35 25.14
C ALA B 250 3.00 10.16 26.22
N ARG B 251 2.47 11.34 25.84
CA ARG B 251 1.79 12.20 26.80
C ARG B 251 0.68 11.48 27.55
N PHE B 252 0.03 10.51 26.91
CA PHE B 252 -1.05 9.79 27.56
C PHE B 252 -0.53 8.93 28.71
N HIS B 253 0.54 8.16 28.46
CA HIS B 253 1.07 7.28 29.49
C HIS B 253 1.80 8.05 30.59
N LEU B 254 2.13 9.32 30.36
CA LEU B 254 2.65 10.17 31.42
C LEU B 254 1.55 10.77 32.29
N GLY B 255 0.28 10.53 31.97
CA GLY B 255 -0.83 11.10 32.68
C GLY B 255 -1.33 12.41 32.12
N SER B 256 -0.56 13.06 31.25
CA SER B 256 -0.92 14.37 30.72
C SER B 256 -1.80 14.25 29.48
N GLY B 257 -2.62 13.21 29.44
CA GLY B 257 -3.52 13.00 28.34
C GLY B 257 -4.92 12.62 28.80
N PRO B 258 -5.83 12.38 27.85
CA PRO B 258 -7.18 11.96 28.23
C PRO B 258 -7.18 10.58 28.84
N ASN B 259 -8.14 10.33 29.73
CA ASN B 259 -8.16 9.14 30.56
C ASN B 259 -9.15 8.12 29.98
N ILE B 260 -8.71 7.41 28.95
CA ILE B 260 -9.39 6.18 28.56
C ILE B 260 -8.95 5.03 29.46
N LEU B 261 -7.75 5.12 30.03
CA LEU B 261 -7.29 4.24 31.08
C LEU B 261 -7.21 5.01 32.38
N SER B 262 -7.47 4.31 33.49
CA SER B 262 -7.32 4.93 34.79
C SER B 262 -5.84 5.20 35.06
N ALA B 263 -5.59 6.11 36.02
CA ALA B 263 -4.22 6.45 36.36
C ALA B 263 -3.47 5.23 36.90
N GLU B 264 -4.10 4.49 37.81
CA GLU B 264 -3.48 3.30 38.37
C GLU B 264 -3.33 2.19 37.34
N ALA B 265 -4.15 2.19 36.29
CA ALA B 265 -3.97 1.20 35.22
C ALA B 265 -2.65 1.40 34.51
N ARG B 266 -2.36 2.64 34.09
CA ARG B 266 -1.09 2.93 33.46
C ARG B 266 0.08 2.68 34.41
N ARG B 267 -0.12 2.93 35.71
CA ARG B 267 0.91 2.60 36.70
C ARG B 267 1.08 1.10 36.82
N LEU B 268 -0.03 0.35 36.82
CA LEU B 268 0.07 -1.11 36.84
C LEU B 268 0.73 -1.65 35.58
N MET B 269 0.56 -0.94 34.46
CA MET B 269 1.26 -1.33 33.23
C MET B 269 2.76 -1.08 33.33
N GLN B 270 3.15 -0.01 34.04
CA GLN B 270 4.55 0.36 34.18
C GLN B 270 5.22 -0.30 35.37
N THR B 271 4.49 -1.10 36.14
CA THR B 271 5.07 -1.78 37.30
C THR B 271 5.70 -3.09 36.87
N PRO B 272 6.95 -3.36 37.25
CA PRO B 272 7.62 -4.60 36.83
C PRO B 272 6.93 -5.83 37.40
N ALA B 273 6.43 -6.67 36.50
CA ALA B 273 5.84 -7.96 36.87
C ALA B 273 6.89 -9.06 36.96
N GLY B 274 8.16 -8.72 36.91
CA GLY B 274 9.22 -9.71 36.96
C GLY B 274 10.41 -9.21 36.16
N ALA B 275 11.40 -10.10 36.04
CA ALA B 275 12.61 -9.80 35.30
C ALA B 275 12.51 -10.31 33.87
N ALA B 276 12.95 -9.49 32.92
CA ALA B 276 12.94 -9.89 31.51
C ALA B 276 14.32 -10.39 31.10
N ASP B 277 15.00 -9.62 30.24
CA ASP B 277 16.31 -9.98 29.74
C ASP B 277 17.28 -8.82 29.93
N ALA B 278 18.54 -9.19 30.21
CA ALA B 278 19.65 -8.23 30.23
C ALA B 278 19.43 -7.13 31.26
N GLY B 279 18.93 -7.50 32.44
CA GLY B 279 18.68 -6.54 33.49
C GLY B 279 17.46 -5.68 33.30
N ARG B 280 16.71 -5.87 32.20
CA ARG B 280 15.46 -5.15 32.01
C ARG B 280 14.33 -5.83 32.77
N LEU B 281 13.28 -5.06 33.04
CA LEU B 281 12.11 -5.55 33.74
C LEU B 281 10.90 -5.56 32.82
N MET B 282 9.96 -6.46 33.13
CA MET B 282 8.81 -6.71 32.25
C MET B 282 7.53 -6.31 32.98
N GLY B 283 6.94 -5.20 32.54
CA GLY B 283 5.61 -4.81 32.94
C GLY B 283 4.58 -5.36 31.97
N ILE B 284 3.41 -4.73 31.96
CA ILE B 284 2.38 -5.08 30.99
C ILE B 284 2.82 -4.57 29.62
N THR B 285 3.45 -5.44 28.83
CA THR B 285 3.97 -5.14 27.49
C THR B 285 5.11 -4.12 27.52
N TRP B 286 5.26 -3.39 28.60
CA TRP B 286 6.31 -2.38 28.70
C TRP B 286 7.64 -3.01 29.09
N PHE B 287 8.72 -2.48 28.52
CA PHE B 287 10.07 -2.85 28.90
C PHE B 287 10.64 -1.74 29.78
N ILE B 288 11.05 -2.10 30.99
CA ILE B 288 11.54 -1.15 31.98
C ILE B 288 13.03 -1.38 32.19
N GLN B 289 13.82 -0.33 32.03
CA GLN B 289 15.26 -0.38 32.21
C GLN B 289 15.70 0.64 33.25
N PRO B 290 16.26 0.22 34.39
CA PRO B 290 16.73 1.19 35.38
C PRO B 290 18.02 1.84 34.93
N VAL B 291 18.18 3.12 35.26
CA VAL B 291 19.35 3.87 34.81
C VAL B 291 20.02 4.59 35.98
N ASP B 292 19.24 5.31 36.79
CA ASP B 292 19.83 6.15 37.83
C ASP B 292 18.74 6.53 38.83
N GLY B 293 18.87 6.02 40.05
CA GLY B 293 17.98 6.45 41.13
C GLY B 293 16.53 6.13 40.86
N ASP B 294 15.70 7.17 40.84
CA ASP B 294 14.28 7.02 40.58
C ASP B 294 13.92 7.06 39.11
N ILE B 295 14.83 7.51 38.25
CA ILE B 295 14.57 7.61 36.82
C ILE B 295 14.63 6.22 36.21
N ARG B 296 13.59 5.87 35.45
CA ARG B 296 13.51 4.58 34.78
C ARG B 296 13.04 4.79 33.35
N LEU B 297 13.70 4.14 32.40
CA LEU B 297 13.29 4.17 31.00
C LEU B 297 12.20 3.13 30.80
N VAL B 298 10.98 3.58 30.53
CA VAL B 298 9.86 2.69 30.24
C VAL B 298 9.52 2.84 28.77
N GLY B 299 9.63 1.74 28.02
CA GLY B 299 9.34 1.78 26.61
C GLY B 299 9.47 0.46 25.88
N HIS B 300 9.76 0.52 24.59
CA HIS B 300 9.79 -0.67 23.75
C HIS B 300 10.59 -0.38 22.50
N GLY B 301 11.22 -1.43 21.95
CA GLY B 301 11.93 -1.33 20.70
C GLY B 301 11.08 -1.82 19.55
N GLY B 302 11.45 -1.38 18.34
CA GLY B 302 10.74 -1.78 17.14
C GLY B 302 11.66 -2.20 16.02
N GLY B 303 11.35 -3.31 15.37
CA GLY B 303 12.19 -3.80 14.29
C GLY B 303 11.42 -4.48 13.17
N THR B 304 11.45 -3.88 11.98
CA THR B 304 10.81 -4.49 10.81
C THR B 304 11.86 -4.84 9.76
N ASN B 305 11.47 -4.79 8.49
CA ASN B 305 12.39 -5.09 7.39
C ASN B 305 13.15 -3.81 7.05
N GLY B 306 14.21 -3.56 7.81
CA GLY B 306 15.07 -2.43 7.57
C GLY B 306 14.65 -1.14 8.23
N GLN B 307 13.91 -1.20 9.33
CA GLN B 307 13.50 -0.01 10.06
C GLN B 307 13.58 -0.31 11.56
N ILE B 308 14.53 0.35 12.24
CA ILE B 308 14.70 0.20 13.68
C ILE B 308 14.19 1.47 14.35
N THR B 309 13.42 1.28 15.42
CA THR B 309 12.81 2.38 16.16
C THR B 309 13.00 2.18 17.66
N LEU B 310 12.70 3.22 18.42
CA LEU B 310 12.82 3.17 19.87
C LEU B 310 11.93 4.25 20.48
N PHE B 311 11.20 3.88 21.53
CA PHE B 311 10.28 4.78 22.20
C PHE B 311 10.39 4.53 23.70
N ASN B 312 10.85 5.54 24.44
CA ASN B 312 10.99 5.45 25.89
C ASN B 312 10.45 6.70 26.54
N PHE B 313 9.91 6.55 27.75
CA PHE B 313 9.44 7.68 28.54
C PHE B 313 9.75 7.43 30.00
N VAL B 314 9.99 8.52 30.74
CA VAL B 314 10.32 8.46 32.16
C VAL B 314 9.12 8.99 32.93
N PRO B 315 8.38 8.16 33.66
CA PRO B 315 7.25 8.65 34.43
C PRO B 315 7.70 9.58 35.56
N GLY B 316 6.84 10.54 35.87
CA GLY B 316 7.13 11.52 36.89
C GLY B 316 7.97 12.69 36.45
N ARG B 317 8.36 12.75 35.17
CA ARG B 317 9.14 13.87 34.65
C ARG B 317 8.55 14.47 33.38
N ASN B 318 7.43 13.95 32.88
CA ASN B 318 6.86 14.38 31.61
C ASN B 318 7.90 14.31 30.50
N PHE B 319 8.64 13.20 30.46
CA PHE B 319 9.77 13.03 29.57
C PHE B 319 9.53 11.83 28.64
N ALA B 320 9.99 11.96 27.40
CA ALA B 320 9.86 10.91 26.41
C ALA B 320 10.81 11.18 25.26
N VAL B 321 11.39 10.12 24.70
CA VAL B 321 12.29 10.22 23.55
C VAL B 321 11.75 9.34 22.44
N CYS B 322 11.98 9.78 21.19
CA CYS B 322 11.57 9.03 20.02
C CYS B 322 12.68 9.07 18.98
N VAL B 323 13.09 7.90 18.50
CA VAL B 323 14.11 7.78 17.46
C VAL B 323 13.63 6.74 16.45
N LEU B 324 13.36 7.17 15.22
CA LEU B 324 12.92 6.28 14.16
C LEU B 324 13.92 6.33 13.01
N THR B 325 14.51 5.18 12.69
CA THR B 325 15.48 5.06 11.61
C THR B 325 14.96 4.09 10.55
N ASN B 326 15.41 4.31 9.32
CA ASN B 326 14.97 3.47 8.21
C ASN B 326 16.12 2.65 7.65
N SER B 327 16.93 2.05 8.54
CA SER B 327 17.99 1.15 8.12
C SER B 327 18.26 0.17 9.26
N ASP B 328 18.81 -0.99 8.90
CA ASP B 328 19.05 -2.04 9.89
C ASP B 328 20.19 -1.73 10.85
N ARG B 329 20.95 -0.66 10.60
CA ARG B 329 22.05 -0.27 11.47
C ARG B 329 21.73 0.95 12.32
N GLY B 330 20.46 1.29 12.46
CA GLY B 330 20.05 2.44 13.24
C GLY B 330 19.93 2.23 14.72
N GLY B 331 20.20 1.01 15.21
CA GLY B 331 20.06 0.75 16.63
C GLY B 331 21.05 1.55 17.46
N ALA B 332 22.25 1.76 16.93
CA ALA B 332 23.25 2.56 17.64
C ALA B 332 22.79 4.01 17.79
N ILE B 333 22.01 4.51 16.83
CA ILE B 333 21.47 5.86 16.95
C ILE B 333 20.26 5.87 17.88
N ASN B 334 19.49 4.77 17.92
CA ASN B 334 18.40 4.68 18.88
C ASN B 334 18.93 4.77 20.31
N ALA B 335 20.03 4.09 20.59
CA ALA B 335 20.60 4.15 21.93
C ALA B 335 21.29 5.48 22.20
N GLU B 336 22.03 6.00 21.22
CA GLU B 336 22.82 7.20 21.44
C GLU B 336 21.93 8.41 21.72
N VAL B 337 20.89 8.61 20.89
CA VAL B 337 20.01 9.74 21.10
C VAL B 337 19.25 9.59 22.41
N THR B 338 18.80 8.37 22.73
CA THR B 338 18.13 8.12 23.99
C THR B 338 19.07 8.34 25.17
N ARG B 339 20.31 7.88 25.04
CA ARG B 339 21.29 8.05 26.12
C ARG B 339 21.60 9.53 26.34
N TRP B 340 21.81 10.28 25.25
CA TRP B 340 22.12 11.70 25.38
C TRP B 340 20.93 12.47 25.93
N ALA B 341 19.71 12.15 25.47
CA ALA B 341 18.53 12.91 25.87
C ALA B 341 18.24 12.75 27.36
N VAL B 342 18.58 11.61 27.94
CA VAL B 342 18.22 11.35 29.34
C VAL B 342 18.98 12.28 30.27
N GLU B 343 20.30 12.36 30.12
CA GLU B 343 21.11 13.16 31.02
C GLU B 343 21.35 14.58 30.49
N SER B 344 20.76 14.94 29.35
CA SER B 344 20.81 16.33 28.89
C SER B 344 19.58 17.12 29.30
N PHE B 345 18.45 16.46 29.44
CA PHE B 345 17.22 17.12 29.89
C PHE B 345 16.87 16.80 31.34
N LEU B 346 17.33 15.67 31.87
CA LEU B 346 17.12 15.32 33.27
C LEU B 346 18.41 15.30 34.09
N GLY B 347 19.56 15.14 33.45
CA GLY B 347 20.84 15.24 34.14
C GLY B 347 21.18 14.05 35.02
N ALA B 348 21.01 12.84 34.51
CA ALA B 348 21.31 11.63 35.25
C ALA B 348 22.69 11.10 34.85
N ALA B 349 22.93 9.82 35.10
CA ALA B 349 24.18 9.16 34.72
C ALA B 349 23.84 7.81 34.11
N TRP B 350 24.16 7.63 32.83
CA TRP B 350 23.78 6.42 32.14
C TRP B 350 24.53 5.22 32.71
N PRO B 351 23.85 4.09 32.93
CA PRO B 351 24.54 2.91 33.46
C PRO B 351 25.47 2.27 32.44
N GLU B 352 26.67 2.83 32.30
CA GLU B 352 27.68 2.26 31.43
C GLU B 352 28.34 1.08 32.16
N PRO B 353 28.08 -0.15 31.73
CA PRO B 353 28.59 -1.30 32.48
C PRO B 353 30.10 -1.43 32.38
N GLU B 354 30.70 -1.88 33.47
CA GLU B 354 32.14 -2.07 33.55
C GLU B 354 32.51 -3.46 33.04
N ILE B 355 33.51 -3.52 32.16
CA ILE B 355 33.90 -4.75 31.49
C ILE B 355 35.15 -5.30 32.17
N TYR B 356 35.19 -6.63 32.32
CA TYR B 356 36.39 -7.32 32.79
C TYR B 356 36.67 -8.50 31.86
N SER B 357 37.92 -8.94 31.86
CA SER B 357 38.39 -9.96 30.93
C SER B 357 38.46 -11.32 31.60
N LEU B 358 38.39 -12.36 30.77
CA LEU B 358 38.43 -13.75 31.18
C LEU B 358 39.56 -14.48 30.46
N PRO B 359 40.33 -15.30 31.16
CA PRO B 359 41.36 -16.12 30.50
C PRO B 359 40.76 -17.00 29.42
N PRO B 360 41.56 -17.42 28.43
CA PRO B 360 41.01 -18.24 27.35
C PRO B 360 40.61 -19.64 27.79
N GLU B 361 41.19 -20.18 28.86
CA GLU B 361 40.80 -21.50 29.32
C GLU B 361 39.40 -21.47 29.94
N ARG B 362 38.97 -20.33 30.46
CA ARG B 362 37.62 -20.19 31.01
C ARG B 362 36.61 -19.82 29.94
N LEU B 363 37.00 -18.99 28.97
CA LEU B 363 36.09 -18.60 27.90
C LEU B 363 35.67 -19.79 27.05
N ALA B 364 36.54 -20.80 26.94
CA ALA B 364 36.24 -21.94 26.08
C ALA B 364 35.04 -22.75 26.56
N THR B 365 34.62 -22.55 27.81
CA THR B 365 33.43 -23.23 28.31
C THR B 365 32.14 -22.64 27.76
N TRP B 366 32.17 -21.38 27.30
CA TRP B 366 31.01 -20.75 26.70
C TRP B 366 30.98 -20.87 25.18
N ALA B 367 32.12 -21.15 24.55
CA ALA B 367 32.17 -21.21 23.10
C ALA B 367 31.49 -22.49 22.58
N GLY B 368 31.01 -22.41 21.36
CA GLY B 368 30.32 -23.53 20.74
C GLY B 368 29.21 -23.02 19.84
N ARG B 369 28.44 -23.97 19.32
CA ARG B 369 27.31 -23.66 18.45
C ARG B 369 26.05 -23.49 19.28
N TYR B 370 25.24 -22.49 18.92
CA TYR B 370 23.99 -22.21 19.60
C TYR B 370 22.91 -22.03 18.55
N GLU B 371 21.90 -22.91 18.58
CA GLU B 371 20.88 -22.96 17.55
C GLU B 371 19.63 -22.22 18.01
N GLY B 372 19.10 -21.35 17.13
CA GLY B 372 17.86 -20.66 17.38
C GLY B 372 16.81 -20.95 16.34
N VAL B 373 15.75 -20.16 16.30
CA VAL B 373 14.67 -20.36 15.35
C VAL B 373 14.83 -19.48 14.12
N LEU B 374 15.01 -18.17 14.31
CA LEU B 374 15.16 -17.24 13.21
C LEU B 374 16.61 -17.06 12.78
N SER B 375 17.57 -17.42 13.63
CA SER B 375 18.98 -17.24 13.31
C SER B 375 19.79 -18.25 14.11
N ASP B 376 21.06 -18.36 13.74
CA ASP B 376 22.01 -19.21 14.45
C ASP B 376 23.13 -18.36 15.03
N ILE B 377 23.66 -18.78 16.18
CA ILE B 377 24.70 -18.06 16.88
C ILE B 377 25.91 -18.98 17.03
N GLU B 378 27.09 -18.45 16.73
CA GLU B 378 28.35 -19.17 16.90
C GLU B 378 29.26 -18.34 17.78
N LEU B 379 29.73 -18.93 18.87
CA LEU B 379 30.65 -18.28 19.79
C LEU B 379 32.05 -18.82 19.53
N VAL B 380 32.97 -17.94 19.15
CA VAL B 380 34.31 -18.34 18.72
C VAL B 380 35.34 -17.57 19.56
N LEU B 381 36.38 -18.28 19.97
CA LEU B 381 37.47 -17.67 20.73
C LEU B 381 38.45 -16.99 19.77
N GLU B 382 38.64 -15.68 19.94
CA GLU B 382 39.56 -14.90 19.11
C GLU B 382 40.38 -14.02 20.04
N GLY B 383 41.67 -14.34 20.18
CA GLY B 383 42.51 -13.59 21.10
C GLY B 383 42.05 -13.79 22.51
N ASP B 384 41.90 -12.68 23.25
CA ASP B 384 41.40 -12.71 24.61
C ASP B 384 39.92 -12.34 24.69
N TRP B 385 39.16 -12.61 23.62
CA TRP B 385 37.75 -12.27 23.56
C TRP B 385 36.96 -13.43 22.99
N LEU B 386 35.67 -13.44 23.31
CA LEU B 386 34.71 -14.33 22.67
C LEU B 386 33.97 -13.55 21.60
N VAL B 387 33.81 -14.16 20.42
CA VAL B 387 33.27 -13.49 19.25
C VAL B 387 31.91 -14.10 18.91
N LEU B 388 30.91 -13.26 18.77
CA LEU B 388 29.57 -13.70 18.38
C LEU B 388 29.40 -13.58 16.87
N LYS B 389 28.82 -14.61 16.27
CA LYS B 389 28.58 -14.65 14.82
C LYS B 389 27.14 -15.09 14.58
N GLN B 390 26.29 -14.16 14.18
CA GLN B 390 24.90 -14.47 13.88
C GLN B 390 24.76 -14.89 12.43
N THR B 391 23.97 -15.94 12.18
CA THR B 391 23.74 -16.47 10.84
C THR B 391 22.23 -16.65 10.67
N PRO B 392 21.54 -15.65 10.11
CA PRO B 392 20.09 -15.78 9.91
C PRO B 392 19.77 -16.87 8.90
N LYS B 393 18.62 -17.50 9.10
CA LYS B 393 18.17 -18.59 8.25
C LYS B 393 17.01 -18.21 7.33
N GLY B 394 16.56 -16.96 7.39
CA GLY B 394 15.39 -16.56 6.63
C GLY B 394 14.11 -16.75 7.41
N GLY B 395 13.00 -16.57 6.69
CA GLY B 395 11.68 -16.69 7.29
C GLY B 395 11.06 -15.37 7.70
N PHE B 396 11.81 -14.27 7.64
CA PHE B 396 11.29 -12.95 7.94
C PHE B 396 11.54 -12.03 6.74
N PRO B 397 10.54 -11.24 6.31
CA PRO B 397 9.22 -11.08 6.91
C PRO B 397 8.26 -12.25 6.68
N ARG B 398 8.49 -13.02 5.64
CA ARG B 398 7.62 -14.13 5.28
C ARG B 398 8.39 -15.44 5.32
N LYS B 399 7.65 -16.54 5.52
CA LYS B 399 8.26 -17.85 5.72
C LYS B 399 9.16 -18.27 4.57
N ASP B 400 9.01 -17.65 3.40
CA ASP B 400 9.82 -17.98 2.23
C ASP B 400 10.79 -16.87 1.86
N SER B 401 10.87 -15.79 2.64
CA SER B 401 11.80 -14.73 2.36
C SER B 401 13.25 -15.23 2.50
N PRO B 402 14.18 -14.67 1.73
CA PRO B 402 15.56 -15.15 1.80
C PRO B 402 16.24 -14.69 3.07
N PRO B 403 17.31 -15.38 3.50
CA PRO B 403 18.01 -14.96 4.71
C PRO B 403 18.68 -13.61 4.52
N ARG B 404 18.58 -12.77 5.55
CA ARG B 404 19.12 -11.43 5.52
C ARG B 404 20.65 -11.47 5.66
N PRO B 405 21.33 -10.43 5.20
CA PRO B 405 22.79 -10.36 5.39
C PRO B 405 23.16 -10.43 6.86
N ALA B 406 24.10 -11.33 7.17
CA ALA B 406 24.50 -11.53 8.56
C ALA B 406 25.23 -10.30 9.08
N PRO B 407 24.91 -9.85 10.30
CA PRO B 407 25.60 -8.69 10.84
C PRO B 407 27.06 -9.00 11.11
N PRO B 408 27.93 -7.99 11.08
CA PRO B 408 29.35 -8.22 11.37
C PRO B 408 29.54 -8.84 12.75
N PRO B 409 30.48 -9.77 12.89
CA PRO B 409 30.76 -10.35 14.21
C PRO B 409 31.19 -9.28 15.21
N SER B 410 31.04 -9.62 16.49
CA SER B 410 31.34 -8.68 17.57
C SER B 410 32.01 -9.42 18.72
N ARG B 411 32.98 -8.78 19.34
CA ARG B 411 33.60 -9.31 20.54
C ARG B 411 32.63 -9.24 21.71
N LEU B 412 32.78 -10.17 22.65
CA LEU B 412 31.91 -10.27 23.81
C LEU B 412 32.71 -9.98 25.08
N GLY B 413 32.21 -9.05 25.87
CA GLY B 413 32.83 -8.69 27.14
C GLY B 413 31.86 -8.92 28.29
N PHE B 414 32.40 -9.38 29.41
CA PHE B 414 31.59 -9.70 30.58
C PHE B 414 31.47 -8.47 31.50
N TYR B 415 30.27 -8.26 32.02
CA TYR B 415 30.04 -7.28 33.08
C TYR B 415 29.50 -7.92 34.34
N ALA B 416 29.21 -9.22 34.32
CA ALA B 416 28.70 -9.97 35.45
C ALA B 416 28.85 -11.45 35.14
N PRO B 417 28.83 -12.32 36.14
CA PRO B 417 28.88 -13.76 35.88
C PRO B 417 27.78 -14.19 34.92
N ASP B 418 28.20 -14.90 33.86
CA ASP B 418 27.29 -15.44 32.84
C ASP B 418 26.52 -14.35 32.09
N ARG B 419 27.04 -13.12 32.08
CA ARG B 419 26.38 -12.01 31.40
C ARG B 419 27.39 -11.28 30.53
N VAL B 420 27.04 -11.11 29.25
CA VAL B 420 27.93 -10.51 28.26
C VAL B 420 27.24 -9.29 27.64
N VAL B 421 28.02 -8.54 26.88
CA VAL B 421 27.51 -7.41 26.10
C VAL B 421 28.43 -7.21 24.91
N ALA B 422 27.85 -7.05 23.73
CA ALA B 422 28.65 -6.88 22.52
C ALA B 422 29.35 -5.53 22.53
N LEU B 423 30.54 -5.50 21.92
CA LEU B 423 31.40 -4.32 21.96
C LEU B 423 31.63 -3.67 20.61
N ASP B 424 31.18 -4.29 19.51
CA ASP B 424 31.42 -3.75 18.18
C ASP B 424 30.10 -3.52 17.46
N LEU B 425 30.09 -2.50 16.61
CA LEU B 425 28.89 -2.17 15.84
C LEU B 425 28.67 -3.21 14.75
N PRO B 426 27.41 -3.45 14.33
CA PRO B 426 26.19 -2.77 14.79
C PRO B 426 25.53 -3.44 15.99
N LEU B 427 26.15 -4.47 16.53
CA LEU B 427 25.61 -5.19 17.68
C LEU B 427 25.99 -4.56 19.01
N LYS B 428 26.76 -3.47 18.99
CA LYS B 428 27.23 -2.84 20.23
C LYS B 428 26.06 -2.38 21.08
N GLY B 429 25.96 -2.91 22.29
CA GLY B 429 24.91 -2.57 23.23
C GLY B 429 23.99 -3.71 23.59
N SER B 430 23.90 -4.74 22.75
CA SER B 430 23.02 -5.88 23.02
C SER B 430 23.68 -6.80 24.04
N ARG B 431 23.04 -6.94 25.20
CA ARG B 431 23.56 -7.81 26.25
C ARG B 431 23.02 -9.23 26.09
N GLY B 432 23.81 -10.20 26.57
CA GLY B 432 23.42 -11.58 26.51
C GLY B 432 23.52 -12.23 27.88
N GLU B 433 22.93 -13.41 27.99
CA GLU B 433 22.89 -14.12 29.27
C GLU B 433 22.98 -15.62 29.03
N PHE B 434 23.81 -16.29 29.82
CA PHE B 434 23.90 -17.75 29.83
C PHE B 434 23.10 -18.25 31.02
N LEU B 435 21.94 -18.85 30.76
CA LEU B 435 21.10 -19.40 31.81
C LEU B 435 21.56 -20.83 32.10
N ARG B 436 21.92 -21.09 33.35
CA ARG B 436 22.46 -22.38 33.75
C ARG B 436 21.36 -23.24 34.37
N GLY B 437 21.27 -24.49 33.91
CA GLY B 437 20.35 -25.44 34.50
C GLY B 437 20.76 -25.79 35.91
N PRO B 438 19.92 -26.55 36.61
CA PRO B 438 20.25 -26.90 38.00
C PRO B 438 21.49 -27.77 38.11
N ASP B 439 21.80 -28.56 37.07
CA ASP B 439 23.01 -29.37 37.06
C ASP B 439 24.26 -28.56 36.76
N GLY B 440 24.13 -27.24 36.58
CA GLY B 440 25.27 -26.38 36.37
C GLY B 440 25.67 -26.17 34.92
N SER B 441 25.16 -26.97 33.99
CA SER B 441 25.51 -26.80 32.59
C SER B 441 24.69 -25.69 31.96
N ILE B 442 25.15 -25.21 30.81
CA ILE B 442 24.46 -24.15 30.09
C ILE B 442 23.21 -24.72 29.46
N ALA B 443 22.04 -24.18 29.82
CA ALA B 443 20.78 -24.62 29.26
C ALA B 443 20.34 -23.77 28.08
N TRP B 444 20.55 -22.45 28.16
CA TRP B 444 20.18 -21.54 27.09
C TRP B 444 21.18 -20.40 27.03
N PHE B 445 21.29 -19.79 25.85
CA PHE B 445 21.99 -18.53 25.65
C PHE B 445 20.96 -17.52 25.17
N ARG B 446 20.58 -16.59 26.03
CA ARG B 446 19.56 -15.59 25.71
C ARG B 446 20.25 -14.38 25.09
N PHE B 447 20.00 -14.14 23.81
CA PHE B 447 20.55 -12.99 23.11
C PHE B 447 19.47 -12.39 22.23
N GLY B 448 19.32 -11.06 22.31
CA GLY B 448 18.25 -10.40 21.60
C GLY B 448 16.87 -10.78 22.08
N GLY B 449 16.75 -11.14 23.36
CA GLY B 449 15.48 -11.57 23.91
C GLY B 449 15.03 -12.96 23.51
N ARG B 450 15.85 -13.69 22.75
CA ARG B 450 15.49 -15.01 22.26
C ARG B 450 16.48 -16.05 22.77
N LEU B 451 16.01 -17.29 22.89
CA LEU B 451 16.79 -18.38 23.47
C LEU B 451 17.50 -19.17 22.39
N PHE B 452 18.64 -19.75 22.76
CA PHE B 452 19.46 -20.55 21.85
C PHE B 452 19.93 -21.79 22.57
N ARG B 453 19.68 -22.95 21.98
CA ARG B 453 20.04 -24.23 22.58
C ARG B 453 21.49 -24.58 22.26
N PRO B 454 22.25 -25.06 23.24
CA PRO B 454 23.63 -25.49 22.98
C PRO B 454 23.67 -26.60 21.93
N GLY B 455 24.63 -26.49 21.02
CA GLY B 455 24.73 -27.46 19.94
C GLY B 455 25.07 -28.85 20.44
N GLN B 456 24.55 -29.85 19.74
CA GLN B 456 24.78 -31.25 20.08
C GLN B 456 25.73 -31.91 19.09
#